data_4HCL
#
_entry.id   4HCL
#
_cell.length_a   118.260
_cell.length_b   118.260
_cell.length_c   133.342
_cell.angle_alpha   90.00
_cell.angle_beta   90.00
_cell.angle_gamma   90.00
#
_symmetry.space_group_name_H-M   'I 4'
#
loop_
_entity.id
_entity.type
_entity.pdbx_description
1 polymer 'Isomerase/lactonizing enzyme'
2 non-polymer 'MAGNESIUM ION'
3 non-polymer '(2R,3S,4R)-2,3,4-TRIHYDROXY-5-(HYDROXYAMINO)-5-OXOPENTANOIC ACID'
4 non-polymer 'TETRAETHYLENE GLYCOL'
5 water water
#
_entity_poly.entity_id   1
_entity_poly.type   'polypeptide(L)'
_entity_poly.pdbx_seq_one_letter_code
;MGSSHHHHHHSSGLVPRGSHMIITDVEVRVFRTTTRRHSDSAGHAHPGPAHQVEQAMLTVRTEDGQEGHSFTAPEIVRPH
VIEKFVKKVLIGEDHRDRERLWQDLAHWQRGSAAQLTDRTLAVVDCALWDLAGRSLGQPVYKLIGGYRDKVLAYGSIMCG
DELEGGLATPEDYGRFAETLVKRGYKGIKLHTWMPPVSWAPDVKMDLKACAAVREAVGPDIRLMIDAFHWYSRTDALALG
RGLEKLGFDWIEEPMDEQSLSSYKWLSDNLDIPVVGPESAAGKHWHRAEWIKAGACDILRTGVNDVGGITPALKTMHLAE
AFGMECEVHGNTAMNLHVVAATKNCRWYERGLLHPFLEYDDGHDYLKSLSDPMDRDGFVHVPDRPGLGEDIDFTFIDNNR
VR
;
_entity_poly.pdbx_strand_id   A,B
#
loop_
_chem_comp.id
_chem_comp.type
_chem_comp.name
_chem_comp.formula
LLH non-polymer '(2R,3S,4R)-2,3,4-TRIHYDROXY-5-(HYDROXYAMINO)-5-OXOPENTANOIC ACID' 'C5 H9 N O7'
MG non-polymer 'MAGNESIUM ION' 'Mg 2'
PG4 non-polymer 'TETRAETHYLENE GLYCOL' 'C8 H18 O5'
#
# COMPACT_ATOMS: atom_id res chain seq x y z
N SER A 19 -26.27 25.38 -6.83
CA SER A 19 -25.61 24.62 -5.77
C SER A 19 -26.28 23.28 -5.50
N HIS A 20 -27.10 22.82 -6.44
CA HIS A 20 -27.76 21.53 -6.30
C HIS A 20 -26.75 20.37 -6.43
N MET A 21 -25.57 20.67 -6.96
CA MET A 21 -24.56 19.65 -7.24
C MET A 21 -23.55 19.47 -6.11
N ILE A 22 -23.68 20.29 -5.08
CA ILE A 22 -22.79 20.23 -3.92
C ILE A 22 -23.09 18.99 -3.07
N ILE A 23 -22.05 18.26 -2.69
CA ILE A 23 -22.18 17.08 -1.84
C ILE A 23 -22.54 17.48 -0.41
N THR A 24 -23.60 16.89 0.13
CA THR A 24 -24.06 17.21 1.48
C THR A 24 -23.79 16.12 2.51
N ASP A 25 -23.78 14.87 2.07
CA ASP A 25 -23.60 13.76 3.01
C ASP A 25 -22.73 12.65 2.43
N VAL A 26 -21.98 11.99 3.30
CA VAL A 26 -21.31 10.72 2.98
C VAL A 26 -21.72 9.71 4.04
N GLU A 27 -22.38 8.63 3.62
CA GLU A 27 -22.94 7.66 4.57
C GLU A 27 -22.53 6.24 4.24
N VAL A 28 -22.37 5.43 5.27
CA VAL A 28 -22.03 4.02 5.12
C VAL A 28 -23.11 3.21 5.80
N ARG A 29 -23.64 2.22 5.09
CA ARG A 29 -24.58 1.28 5.68
C ARG A 29 -24.01 -0.12 5.60
N VAL A 30 -23.81 -0.74 6.76
CA VAL A 30 -23.34 -2.12 6.82
C VAL A 30 -24.54 -3.05 6.96
N PHE A 31 -24.59 -4.11 6.14
CA PHE A 31 -25.72 -5.04 6.18
C PHE A 31 -25.20 -6.45 6.03
N ARG A 32 -26.04 -7.45 6.33
CA ARG A 32 -25.65 -8.84 6.20
C ARG A 32 -26.10 -9.43 4.87
N THR A 33 -25.15 -10.05 4.15
CA THR A 33 -25.48 -10.74 2.92
C THR A 33 -25.23 -12.23 3.12
N THR A 34 -26.11 -13.04 2.54
CA THR A 34 -26.00 -14.49 2.67
C THR A 34 -25.24 -15.01 1.46
N THR A 35 -24.13 -15.70 1.71
CA THR A 35 -23.27 -16.19 0.64
C THR A 35 -22.66 -17.54 1.02
N ARG A 36 -22.30 -18.31 0.00
CA ARG A 36 -21.55 -19.54 0.20
C ARG A 36 -20.05 -19.32 -0.05
N ARG A 37 -19.68 -18.09 -0.41
CA ARG A 37 -18.27 -17.79 -0.62
C ARG A 37 -17.56 -17.50 0.70
N HIS A 38 -16.45 -18.19 0.94
CA HIS A 38 -15.57 -17.92 2.09
C HIS A 38 -14.20 -17.52 1.58
N SER A 39 -13.39 -16.91 2.44
CA SER A 39 -12.00 -16.62 2.11
C SER A 39 -11.10 -17.30 3.11
N ASP A 40 -10.12 -18.08 2.63
CA ASP A 40 -9.15 -18.69 3.53
C ASP A 40 -8.26 -17.62 4.16
N SER A 41 -7.33 -18.04 5.01
CA SER A 41 -6.50 -17.10 5.75
C SER A 41 -5.54 -16.29 4.86
N ALA A 42 -5.32 -16.79 3.64
CA ALA A 42 -4.47 -16.08 2.67
C ALA A 42 -5.32 -15.14 1.79
N GLY A 43 -6.63 -15.20 1.94
CA GLY A 43 -7.52 -14.32 1.18
C GLY A 43 -8.12 -14.90 -0.10
N HIS A 44 -7.95 -16.21 -0.34
CA HIS A 44 -8.50 -16.82 -1.55
C HIS A 44 -9.94 -17.32 -1.32
N ALA A 45 -10.81 -17.07 -2.29
CA ALA A 45 -12.21 -17.50 -2.21
C ALA A 45 -12.38 -19.01 -2.39
N HIS A 46 -13.33 -19.58 -1.65
CA HIS A 46 -13.68 -20.99 -1.76
C HIS A 46 -15.16 -21.10 -1.43
N PRO A 47 -15.83 -22.12 -1.98
CA PRO A 47 -17.22 -22.33 -1.57
C PRO A 47 -17.25 -23.12 -0.27
N GLY A 48 -18.13 -22.70 0.63
CA GLY A 48 -18.31 -23.37 1.91
C GLY A 48 -19.77 -23.30 2.32
N PRO A 49 -20.02 -23.40 3.63
CA PRO A 49 -21.38 -23.31 4.18
C PRO A 49 -22.00 -21.96 3.86
N ALA A 50 -23.29 -21.95 3.53
CA ALA A 50 -24.02 -20.68 3.41
C ALA A 50 -23.91 -20.00 4.76
N HIS A 51 -23.57 -18.73 4.74
CA HIS A 51 -23.45 -17.97 5.98
C HIS A 51 -23.65 -16.48 5.73
N GLN A 52 -23.85 -15.73 6.80
CA GLN A 52 -24.04 -14.28 6.67
C GLN A 52 -22.71 -13.56 6.81
N VAL A 53 -22.44 -12.65 5.88
CA VAL A 53 -21.20 -11.89 5.86
C VAL A 53 -21.56 -10.41 5.84
N GLU A 54 -20.79 -9.58 6.56
CA GLU A 54 -21.05 -8.14 6.58
C GLU A 54 -20.55 -7.48 5.30
N GLN A 55 -21.41 -6.65 4.70
CA GLN A 55 -21.12 -5.97 3.44
C GLN A 55 -21.41 -4.49 3.66
N ALA A 56 -20.65 -3.60 3.03
CA ALA A 56 -20.91 -2.17 3.21
C ALA A 56 -21.37 -1.50 1.94
N MET A 57 -22.26 -0.51 2.08
CA MET A 57 -22.63 0.34 0.94
C MET A 57 -22.32 1.79 1.30
N LEU A 58 -21.50 2.43 0.45
CA LEU A 58 -21.18 3.84 0.62
C LEU A 58 -22.14 4.65 -0.22
N THR A 59 -22.74 5.68 0.37
CA THR A 59 -23.64 6.56 -0.37
C THR A 59 -23.14 8.00 -0.32
N VAL A 60 -23.13 8.65 -1.48
CA VAL A 60 -22.80 10.08 -1.58
C VAL A 60 -24.06 10.81 -2.03
N ARG A 61 -24.46 11.84 -1.27
CA ARG A 61 -25.68 12.57 -1.56
C ARG A 61 -25.39 14.05 -1.77
N THR A 62 -26.08 14.64 -2.74
CA THR A 62 -25.96 16.07 -3.04
C THR A 62 -27.15 16.87 -2.50
N GLU A 63 -27.06 18.19 -2.57
CA GLU A 63 -28.10 19.11 -2.06
C GLU A 63 -29.51 18.81 -2.58
N ASP A 64 -29.60 18.42 -3.85
CA ASP A 64 -30.89 18.14 -4.46
C ASP A 64 -31.38 16.72 -4.16
N GLY A 65 -30.65 16.01 -3.30
CA GLY A 65 -31.10 14.70 -2.86
C GLY A 65 -30.68 13.54 -3.74
N GLN A 66 -29.99 13.83 -4.85
CA GLN A 66 -29.47 12.78 -5.72
C GLN A 66 -28.42 11.95 -4.98
N GLU A 67 -28.34 10.66 -5.30
CA GLU A 67 -27.41 9.76 -4.61
C GLU A 67 -26.60 8.90 -5.58
N GLY A 68 -25.41 8.52 -5.13
CA GLY A 68 -24.61 7.51 -5.82
C GLY A 68 -24.16 6.51 -4.77
N HIS A 69 -24.03 5.24 -5.17
CA HIS A 69 -23.72 4.17 -4.22
C HIS A 69 -22.63 3.25 -4.75
N SER A 70 -21.87 2.66 -3.83
CA SER A 70 -20.95 1.59 -4.21
C SER A 70 -20.70 0.66 -3.04
N PHE A 71 -20.33 -0.57 -3.33
CA PHE A 71 -20.19 -1.60 -2.30
C PHE A 71 -18.73 -1.97 -2.06
N THR A 72 -18.41 -2.27 -0.81
CA THR A 72 -17.08 -2.71 -0.44
C THR A 72 -17.08 -3.39 0.93
N ALA A 73 -15.94 -3.92 1.36
CA ALA A 73 -15.82 -4.51 2.70
C ALA A 73 -15.90 -3.41 3.75
N PRO A 74 -16.56 -3.69 4.88
CA PRO A 74 -16.79 -2.69 5.92
C PRO A 74 -15.53 -1.98 6.42
N GLU A 75 -14.42 -2.71 6.57
CA GLU A 75 -13.20 -2.07 7.07
C GLU A 75 -12.71 -0.94 6.15
N ILE A 76 -13.03 -1.07 4.86
CA ILE A 76 -12.54 -0.13 3.85
C ILE A 76 -13.24 1.22 3.97
N VAL A 77 -14.43 1.22 4.55
CA VAL A 77 -15.20 2.45 4.74
C VAL A 77 -15.62 2.62 6.18
N ARG A 78 -14.78 2.15 7.10
CA ARG A 78 -15.09 2.27 8.53
C ARG A 78 -15.04 3.75 8.95
N PRO A 79 -15.65 4.08 10.11
CA PRO A 79 -15.71 5.48 10.56
C PRO A 79 -14.37 6.22 10.57
N HIS A 80 -13.28 5.57 11.01
CA HIS A 80 -11.98 6.24 11.04
C HIS A 80 -11.64 6.86 9.69
N VAL A 81 -11.86 6.08 8.64
CA VAL A 81 -11.51 6.48 7.30
C VAL A 81 -12.50 7.51 6.74
N ILE A 82 -13.78 7.30 7.02
CA ILE A 82 -14.80 8.25 6.55
C ILE A 82 -14.63 9.63 7.20
N GLU A 83 -14.40 9.64 8.50
CA GLU A 83 -14.34 10.90 9.24
C GLU A 83 -13.04 11.65 9.01
N LYS A 84 -11.92 10.93 9.06
CA LYS A 84 -10.61 11.57 8.96
C LYS A 84 -10.24 12.01 7.55
N PHE A 85 -10.72 11.28 6.55
CA PHE A 85 -10.34 11.54 5.17
C PHE A 85 -11.50 11.86 4.23
N VAL A 86 -12.43 10.93 4.06
CA VAL A 86 -13.40 11.04 3.00
C VAL A 86 -14.32 12.25 3.12
N LYS A 87 -14.90 12.46 4.29
CA LYS A 87 -15.80 13.61 4.47
C LYS A 87 -15.07 14.93 4.26
N LYS A 88 -13.86 15.04 4.80
CA LYS A 88 -13.09 16.27 4.68
C LYS A 88 -12.77 16.64 3.24
N VAL A 89 -12.69 15.66 2.36
CA VAL A 89 -12.46 15.94 0.95
C VAL A 89 -13.76 16.23 0.22
N LEU A 90 -14.79 15.45 0.50
CA LEU A 90 -16.02 15.48 -0.31
C LEU A 90 -17.06 16.53 0.09
N ILE A 91 -17.36 16.66 1.38
CA ILE A 91 -18.46 17.52 1.82
C ILE A 91 -18.27 18.99 1.40
N GLY A 92 -19.26 19.55 0.73
CA GLY A 92 -19.18 20.95 0.32
C GLY A 92 -18.64 21.14 -1.08
N GLU A 93 -18.27 20.04 -1.73
CA GLU A 93 -17.69 20.11 -3.07
C GLU A 93 -18.67 19.69 -4.15
N ASP A 94 -18.50 20.29 -5.33
CA ASP A 94 -19.22 19.91 -6.53
C ASP A 94 -18.87 18.45 -6.85
N HIS A 95 -19.87 17.57 -6.85
CA HIS A 95 -19.60 16.14 -7.03
C HIS A 95 -19.00 15.82 -8.40
N ARG A 96 -19.16 16.73 -9.37
CA ARG A 96 -18.67 16.47 -10.72
C ARG A 96 -17.17 16.65 -10.87
N ASP A 97 -16.52 17.19 -9.85
CA ASP A 97 -15.08 17.45 -9.89
C ASP A 97 -14.30 16.21 -9.47
N ARG A 98 -14.56 15.10 -10.16
CA ARG A 98 -14.02 13.79 -9.78
C ARG A 98 -12.49 13.77 -9.79
N GLU A 99 -11.90 14.43 -10.77
CA GLU A 99 -10.45 14.52 -10.88
C GLU A 99 -9.83 15.29 -9.70
N ARG A 100 -10.42 16.43 -9.36
CA ARG A 100 -9.96 17.17 -8.20
C ARG A 100 -10.14 16.37 -6.90
N LEU A 101 -11.29 15.74 -6.75
CA LEU A 101 -11.57 14.99 -5.53
C LEU A 101 -10.66 13.76 -5.42
N TRP A 102 -10.43 13.10 -6.55
CA TRP A 102 -9.56 11.93 -6.55
C TRP A 102 -8.14 12.34 -6.19
N GLN A 103 -7.65 13.40 -6.81
CA GLN A 103 -6.28 13.84 -6.56
C GLN A 103 -6.10 14.29 -5.11
N ASP A 104 -7.13 14.89 -4.53
CA ASP A 104 -7.08 15.32 -3.12
C ASP A 104 -6.94 14.11 -2.19
N LEU A 105 -7.73 13.08 -2.46
CA LEU A 105 -7.65 11.86 -1.65
C LEU A 105 -6.31 11.19 -1.86
N ALA A 106 -5.86 11.11 -3.12
CA ALA A 106 -4.55 10.53 -3.40
C ALA A 106 -3.41 11.20 -2.63
N HIS A 107 -3.42 12.54 -2.56
CA HIS A 107 -2.41 13.32 -1.86
C HIS A 107 -2.45 13.14 -0.35
N TRP A 108 -3.55 12.60 0.17
CA TRP A 108 -3.64 12.35 1.60
C TRP A 108 -3.19 10.96 2.03
N GLN A 109 -2.92 10.09 1.06
CA GLN A 109 -2.52 8.72 1.39
C GLN A 109 -1.19 8.64 2.11
N ARG A 110 -0.21 9.41 1.62
CA ARG A 110 1.15 9.39 2.15
C ARG A 110 1.17 9.61 3.67
N GLY A 111 0.37 10.56 4.14
CA GLY A 111 0.40 10.92 5.54
C GLY A 111 -0.70 10.27 6.37
N SER A 112 -1.32 9.21 5.84
CA SER A 112 -2.50 8.60 6.46
C SER A 112 -2.20 7.45 7.43
N ALA A 113 -0.93 7.26 7.77
CA ALA A 113 -0.51 6.12 8.60
C ALA A 113 -0.99 4.78 8.03
N ALA A 114 -0.95 4.68 6.70
CA ALA A 114 -1.31 3.48 5.95
C ALA A 114 -2.81 3.14 5.99
N GLN A 115 -3.62 4.06 6.49
CA GLN A 115 -5.07 3.82 6.60
C GLN A 115 -5.92 4.26 5.40
N LEU A 116 -5.45 5.22 4.62
CA LEU A 116 -6.21 5.63 3.45
C LEU A 116 -5.68 4.86 2.25
N THR A 117 -6.34 3.75 1.91
CA THR A 117 -5.83 2.79 0.95
C THR A 117 -6.43 3.01 -0.43
N ASP A 118 -5.84 2.37 -1.46
CA ASP A 118 -6.41 2.46 -2.80
C ASP A 118 -7.83 1.90 -2.81
N ARG A 119 -8.10 0.94 -1.94
CA ARG A 119 -9.45 0.39 -1.84
C ARG A 119 -10.47 1.46 -1.44
N THR A 120 -10.08 2.33 -0.51
CA THR A 120 -10.99 3.40 -0.09
C THR A 120 -11.20 4.40 -1.22
N LEU A 121 -10.12 4.80 -1.89
CA LEU A 121 -10.22 5.67 -3.05
C LEU A 121 -11.16 5.09 -4.09
N ALA A 122 -11.09 3.78 -4.28
CA ALA A 122 -11.88 3.13 -5.33
C ALA A 122 -13.38 3.22 -5.04
N VAL A 123 -13.77 2.93 -3.81
CA VAL A 123 -15.22 2.91 -3.52
C VAL A 123 -15.77 4.34 -3.61
N VAL A 124 -14.99 5.32 -3.15
CA VAL A 124 -15.39 6.72 -3.22
C VAL A 124 -15.54 7.17 -4.67
N ASP A 125 -14.53 6.91 -5.49
CA ASP A 125 -14.57 7.28 -6.89
C ASP A 125 -15.75 6.61 -7.59
N CYS A 126 -16.02 5.35 -7.23
CA CYS A 126 -17.12 4.63 -7.87
C CYS A 126 -18.47 5.25 -7.52
N ALA A 127 -18.61 5.62 -6.25
CA ALA A 127 -19.85 6.25 -5.79
C ALA A 127 -20.05 7.61 -6.46
N LEU A 128 -18.96 8.33 -6.71
CA LEU A 128 -19.06 9.60 -7.42
C LEU A 128 -19.47 9.42 -8.87
N TRP A 129 -18.95 8.39 -9.52
CA TRP A 129 -19.38 8.08 -10.88
C TRP A 129 -20.85 7.68 -10.94
N ASP A 130 -21.27 6.86 -9.97
CA ASP A 130 -22.65 6.40 -9.92
C ASP A 130 -23.59 7.58 -9.70
N LEU A 131 -23.18 8.48 -8.82
CA LEU A 131 -23.95 9.70 -8.58
C LEU A 131 -24.10 10.51 -9.86
N ALA A 132 -23.02 10.72 -10.59
CA ALA A 132 -23.11 11.50 -11.84
C ALA A 132 -24.05 10.83 -12.82
N GLY A 133 -23.94 9.51 -12.94
CA GLY A 133 -24.75 8.78 -13.91
C GLY A 133 -26.22 8.77 -13.54
N ARG A 134 -26.49 8.49 -12.26
CA ARG A 134 -27.86 8.51 -11.78
C ARG A 134 -28.47 9.90 -11.94
N SER A 135 -27.72 10.93 -11.58
CA SER A 135 -28.19 12.31 -11.70
C SER A 135 -28.60 12.70 -13.12
N LEU A 136 -27.88 12.17 -14.10
CA LEU A 136 -28.10 12.53 -15.49
C LEU A 136 -28.92 11.47 -16.22
N GLY A 137 -29.22 10.38 -15.55
CA GLY A 137 -29.93 9.27 -16.17
C GLY A 137 -29.11 8.55 -17.22
N GLN A 138 -27.79 8.47 -17.00
CA GLN A 138 -26.87 7.91 -18.00
C GLN A 138 -26.07 6.74 -17.43
N PRO A 139 -25.94 5.65 -18.19
CA PRO A 139 -25.01 4.61 -17.77
C PRO A 139 -23.60 5.19 -17.72
N VAL A 140 -22.78 4.76 -16.77
CA VAL A 140 -21.45 5.35 -16.60
C VAL A 140 -20.59 5.23 -17.87
N TYR A 141 -20.61 4.06 -18.51
CA TYR A 141 -19.81 3.93 -19.73
C TYR A 141 -20.24 4.86 -20.85
N LYS A 142 -21.52 5.21 -20.88
CA LYS A 142 -22.02 6.14 -21.88
C LYS A 142 -21.57 7.57 -21.60
N LEU A 143 -21.46 7.90 -20.30
CA LEU A 143 -20.95 9.19 -19.84
C LEU A 143 -19.48 9.34 -20.19
N ILE A 144 -18.70 8.30 -19.92
CA ILE A 144 -17.27 8.30 -20.25
C ILE A 144 -17.11 8.47 -21.75
N GLY A 145 -17.93 7.73 -22.50
CA GLY A 145 -17.85 7.70 -23.95
C GLY A 145 -17.76 6.25 -24.36
N GLY A 146 -18.86 5.70 -24.87
CA GLY A 146 -18.98 4.27 -25.04
C GLY A 146 -18.13 3.69 -26.15
N TYR A 147 -17.60 2.49 -25.95
CA TYR A 147 -16.97 1.77 -27.05
C TYR A 147 -17.83 0.58 -27.51
N ARG A 148 -18.39 -0.16 -26.55
CA ARG A 148 -19.14 -1.38 -26.86
C ARG A 148 -20.22 -1.63 -25.81
N ASP A 149 -21.39 -2.10 -26.25
CA ASP A 149 -22.52 -2.35 -25.34
C ASP A 149 -22.50 -3.78 -24.81
N LYS A 150 -21.71 -4.62 -25.46
CA LYS A 150 -21.54 -5.99 -24.98
C LYS A 150 -20.09 -6.37 -25.15
N VAL A 151 -19.65 -7.37 -24.40
CA VAL A 151 -18.24 -7.78 -24.44
C VAL A 151 -18.08 -9.24 -24.05
N LEU A 152 -17.15 -9.93 -24.70
CA LEU A 152 -16.84 -11.31 -24.39
C LEU A 152 -16.34 -11.42 -22.95
N ALA A 153 -16.83 -12.42 -22.23
CA ALA A 153 -16.31 -12.69 -20.89
C ALA A 153 -15.52 -13.99 -20.87
N TYR A 154 -14.47 -14.06 -20.05
CA TYR A 154 -13.88 -15.36 -19.76
C TYR A 154 -14.38 -15.85 -18.42
N GLY A 155 -14.55 -17.17 -18.31
CA GLY A 155 -14.96 -17.77 -17.06
C GLY A 155 -13.73 -17.87 -16.17
N SER A 156 -13.75 -17.13 -15.07
CA SER A 156 -12.60 -17.06 -14.17
C SER A 156 -12.80 -18.03 -13.02
N ILE A 157 -12.03 -19.12 -13.02
CA ILE A 157 -12.27 -20.23 -12.10
C ILE A 157 -11.63 -19.96 -10.73
N MET A 158 -12.38 -20.22 -9.65
CA MET A 158 -11.87 -20.07 -8.29
C MET A 158 -10.55 -20.81 -8.05
N CYS A 159 -9.79 -20.36 -7.06
CA CYS A 159 -8.56 -21.04 -6.65
C CYS A 159 -8.86 -22.51 -6.35
N GLY A 160 -7.88 -23.36 -6.58
CA GLY A 160 -8.04 -24.79 -6.33
C GLY A 160 -8.30 -25.10 -4.87
N ASP A 161 -8.92 -26.26 -4.62
CA ASP A 161 -9.24 -26.63 -3.27
C ASP A 161 -8.98 -28.12 -3.03
N GLU A 162 -9.52 -28.66 -1.95
CA GLU A 162 -9.37 -30.07 -1.64
C GLU A 162 -10.75 -30.69 -1.44
N LEU A 163 -11.75 -30.08 -2.08
CA LEU A 163 -13.13 -30.54 -2.00
C LEU A 163 -13.41 -31.57 -3.08
N GLU A 164 -13.80 -32.78 -2.67
CA GLU A 164 -14.06 -33.85 -3.63
C GLU A 164 -15.10 -33.42 -4.68
N GLY A 165 -14.72 -33.55 -5.95
CA GLY A 165 -15.60 -33.16 -7.05
C GLY A 165 -15.60 -31.66 -7.34
N GLY A 166 -14.91 -30.90 -6.50
CA GLY A 166 -14.83 -29.45 -6.67
C GLY A 166 -13.71 -29.05 -7.61
N LEU A 167 -12.59 -28.59 -7.05
CA LEU A 167 -11.38 -28.29 -7.82
C LEU A 167 -10.18 -28.94 -7.14
N ALA A 168 -10.32 -30.23 -6.84
CA ALA A 168 -9.30 -30.94 -6.06
C ALA A 168 -8.25 -31.60 -6.95
N THR A 169 -8.64 -31.95 -8.17
CA THR A 169 -7.75 -32.68 -9.07
C THR A 169 -7.63 -31.96 -10.41
N PRO A 170 -6.61 -32.32 -11.21
CA PRO A 170 -6.56 -31.82 -12.59
C PRO A 170 -7.82 -32.21 -13.34
N GLU A 171 -8.30 -33.43 -13.13
CA GLU A 171 -9.53 -33.90 -13.78
C GLU A 171 -10.73 -33.00 -13.47
N ASP A 172 -10.81 -32.54 -12.22
CA ASP A 172 -11.88 -31.62 -11.81
C ASP A 172 -11.90 -30.34 -12.64
N TYR A 173 -10.72 -29.82 -12.97
CA TYR A 173 -10.66 -28.61 -13.77
C TYR A 173 -11.19 -28.86 -15.18
N GLY A 174 -10.77 -29.98 -15.77
CA GLY A 174 -11.23 -30.34 -17.10
C GLY A 174 -12.74 -30.48 -17.17
N ARG A 175 -13.33 -31.13 -16.16
CA ARG A 175 -14.79 -31.32 -16.17
C ARG A 175 -15.50 -29.97 -16.07
N PHE A 176 -15.02 -29.11 -15.17
CA PHE A 176 -15.67 -27.84 -14.98
C PHE A 176 -15.56 -26.99 -16.26
N ALA A 177 -14.42 -27.12 -16.94
CA ALA A 177 -14.19 -26.38 -18.18
C ALA A 177 -15.21 -26.76 -19.27
N GLU A 178 -15.55 -28.05 -19.34
CA GLU A 178 -16.57 -28.50 -20.29
C GLU A 178 -17.90 -27.81 -20.02
N THR A 179 -18.26 -27.71 -18.74
CA THR A 179 -19.48 -27.04 -18.32
C THR A 179 -19.48 -25.58 -18.76
N LEU A 180 -18.34 -24.93 -18.60
CA LEU A 180 -18.22 -23.52 -18.97
C LEU A 180 -18.34 -23.29 -20.48
N VAL A 181 -17.76 -24.16 -21.29
CA VAL A 181 -17.88 -24.03 -22.75
C VAL A 181 -19.34 -24.17 -23.15
N LYS A 182 -20.04 -25.12 -22.51
CA LYS A 182 -21.48 -25.29 -22.76
C LYS A 182 -22.27 -24.03 -22.43
N ARG A 183 -21.89 -23.36 -21.35
CA ARG A 183 -22.56 -22.13 -20.90
C ARG A 183 -22.40 -21.01 -21.95
N GLY A 184 -21.30 -21.06 -22.70
CA GLY A 184 -21.08 -20.07 -23.75
C GLY A 184 -19.75 -19.36 -23.65
N TYR A 185 -18.99 -19.59 -22.58
CA TYR A 185 -17.69 -18.90 -22.44
C TYR A 185 -16.76 -19.25 -23.60
N LYS A 186 -16.12 -18.23 -24.20
CA LYS A 186 -15.18 -18.45 -25.30
C LYS A 186 -13.74 -18.45 -24.77
N GLY A 187 -13.60 -18.11 -23.49
CA GLY A 187 -12.30 -18.11 -22.84
C GLY A 187 -12.47 -18.61 -21.42
N ILE A 188 -11.43 -19.23 -20.87
CA ILE A 188 -11.46 -19.75 -19.51
C ILE A 188 -10.12 -19.46 -18.84
N LYS A 189 -10.15 -18.96 -17.60
CA LYS A 189 -8.92 -18.75 -16.84
C LYS A 189 -8.88 -19.61 -15.59
N LEU A 190 -7.84 -20.43 -15.48
CA LEU A 190 -7.67 -21.23 -14.26
C LEU A 190 -6.98 -20.42 -13.19
N HIS A 191 -7.48 -20.49 -11.97
CA HIS A 191 -6.65 -20.15 -10.79
C HIS A 191 -6.31 -21.51 -10.22
N THR A 192 -5.03 -21.82 -10.08
CA THR A 192 -4.63 -23.13 -9.60
C THR A 192 -4.40 -23.14 -8.08
N TRP A 193 -3.77 -24.20 -7.56
CA TRP A 193 -3.70 -24.43 -6.12
C TRP A 193 -2.71 -23.54 -5.36
N MET A 194 -3.16 -23.03 -4.22
CA MET A 194 -2.33 -22.15 -3.38
C MET A 194 -2.47 -22.52 -1.90
N PRO A 195 -1.40 -22.30 -1.10
CA PRO A 195 -1.58 -22.42 0.37
C PRO A 195 -2.75 -21.53 0.80
N PRO A 196 -3.52 -21.95 1.81
CA PRO A 196 -3.34 -23.07 2.74
C PRO A 196 -3.75 -24.46 2.23
N VAL A 197 -3.94 -24.66 0.92
CA VAL A 197 -4.12 -26.03 0.42
C VAL A 197 -2.90 -26.84 0.84
N SER A 198 -3.14 -27.99 1.47
CA SER A 198 -2.09 -28.69 2.23
C SER A 198 -0.78 -28.94 1.48
N TRP A 199 -0.87 -29.41 0.24
CA TRP A 199 0.32 -29.78 -0.53
C TRP A 199 0.83 -28.68 -1.48
N ALA A 200 0.07 -27.60 -1.61
CA ALA A 200 0.36 -26.54 -2.59
C ALA A 200 1.54 -25.65 -2.14
N PRO A 201 2.22 -25.01 -3.12
CA PRO A 201 1.99 -25.09 -4.56
C PRO A 201 2.85 -26.16 -5.19
N ASP A 202 2.49 -26.54 -6.42
CA ASP A 202 3.29 -27.50 -7.18
C ASP A 202 3.13 -27.25 -8.67
N VAL A 203 4.23 -26.86 -9.33
CA VAL A 203 4.20 -26.56 -10.75
C VAL A 203 3.66 -27.69 -11.63
N LYS A 204 4.10 -28.92 -11.35
CA LYS A 204 3.67 -30.05 -12.16
C LYS A 204 2.15 -30.29 -12.08
N MET A 205 1.58 -30.08 -10.89
CA MET A 205 0.12 -30.20 -10.70
C MET A 205 -0.61 -29.09 -11.44
N ASP A 206 -0.11 -27.86 -11.34
CA ASP A 206 -0.69 -26.74 -12.06
C ASP A 206 -0.78 -27.06 -13.56
N LEU A 207 0.30 -27.59 -14.12
CA LEU A 207 0.36 -27.92 -15.54
C LEU A 207 -0.55 -29.10 -15.90
N LYS A 208 -0.69 -30.05 -14.97
CA LYS A 208 -1.63 -31.15 -15.19
C LYS A 208 -3.05 -30.62 -15.32
N ALA A 209 -3.39 -29.63 -14.49
CA ALA A 209 -4.72 -29.03 -14.59
C ALA A 209 -4.88 -28.32 -15.94
N CYS A 210 -3.85 -27.62 -16.36
CA CYS A 210 -3.89 -26.89 -17.63
C CYS A 210 -4.05 -27.84 -18.82
N ALA A 211 -3.35 -28.97 -18.75
CA ALA A 211 -3.43 -29.96 -19.83
C ALA A 211 -4.81 -30.62 -19.87
N ALA A 212 -5.36 -30.93 -18.70
CA ALA A 212 -6.72 -31.47 -18.61
C ALA A 212 -7.75 -30.52 -19.23
N VAL A 213 -7.61 -29.23 -18.98
CA VAL A 213 -8.54 -28.27 -19.56
C VAL A 213 -8.38 -28.18 -21.09
N ARG A 214 -7.13 -28.09 -21.55
CA ARG A 214 -6.90 -28.02 -23.00
C ARG A 214 -7.46 -29.25 -23.70
N GLU A 215 -7.24 -30.41 -23.09
CA GLU A 215 -7.77 -31.65 -23.68
C GLU A 215 -9.29 -31.58 -23.76
N ALA A 216 -9.91 -31.09 -22.70
CA ALA A 216 -11.37 -31.08 -22.61
C ALA A 216 -12.04 -30.10 -23.57
N VAL A 217 -11.39 -28.96 -23.83
CA VAL A 217 -12.06 -27.91 -24.59
C VAL A 217 -11.55 -27.77 -26.02
N GLY A 218 -10.43 -28.42 -26.31
CA GLY A 218 -9.84 -28.35 -27.64
C GLY A 218 -9.10 -27.06 -27.89
N PRO A 219 -8.62 -26.86 -29.12
CA PRO A 219 -7.68 -25.79 -29.44
C PRO A 219 -8.31 -24.41 -29.69
N ASP A 220 -9.63 -24.33 -29.77
CA ASP A 220 -10.28 -23.07 -30.17
C ASP A 220 -10.93 -22.29 -29.03
N ILE A 221 -10.76 -22.77 -27.81
CA ILE A 221 -11.16 -22.01 -26.65
C ILE A 221 -9.88 -21.37 -26.12
N ARG A 222 -9.96 -20.09 -25.76
N ARG A 222 -9.95 -20.08 -25.78
CA ARG A 222 -8.78 -19.39 -25.25
CA ARG A 222 -8.76 -19.38 -25.28
C ARG A 222 -8.57 -19.74 -23.78
C ARG A 222 -8.56 -19.70 -23.79
N LEU A 223 -7.32 -19.98 -23.41
CA LEU A 223 -7.02 -20.45 -22.06
C LEU A 223 -5.96 -19.61 -21.39
N MET A 224 -6.17 -19.30 -20.11
CA MET A 224 -5.26 -18.46 -19.36
C MET A 224 -5.05 -19.09 -18.01
N ILE A 225 -3.92 -18.80 -17.35
CA ILE A 225 -3.76 -19.27 -15.96
C ILE A 225 -3.26 -18.15 -15.06
N ASP A 226 -3.77 -18.15 -13.84
CA ASP A 226 -3.39 -17.18 -12.82
C ASP A 226 -2.89 -18.07 -11.68
N ALA A 227 -1.57 -18.19 -11.56
CA ALA A 227 -0.98 -19.22 -10.70
C ALA A 227 -0.68 -18.72 -9.30
N PHE A 228 -0.24 -19.62 -8.42
CA PHE A 228 0.32 -19.26 -7.12
C PHE A 228 1.24 -18.04 -7.27
N HIS A 229 1.05 -17.04 -6.43
CA HIS A 229 1.57 -15.70 -6.71
C HIS A 229 2.97 -15.44 -6.17
N TRP A 230 3.61 -16.48 -5.65
CA TRP A 230 4.93 -16.32 -5.03
C TRP A 230 5.94 -17.40 -5.46
N TYR A 231 5.78 -17.94 -6.67
CA TYR A 231 6.77 -18.86 -7.22
C TYR A 231 8.09 -18.12 -7.38
N SER A 232 9.20 -18.83 -7.21
CA SER A 232 10.53 -18.31 -7.57
C SER A 232 10.62 -18.08 -9.07
N ARG A 233 11.66 -17.36 -9.52
CA ARG A 233 11.87 -17.16 -10.96
C ARG A 233 11.92 -18.50 -11.70
N THR A 234 12.72 -19.43 -11.19
CA THR A 234 12.92 -20.72 -11.86
C THR A 234 11.66 -21.59 -11.94
N ASP A 235 10.79 -21.51 -10.94
CA ASP A 235 9.51 -22.25 -10.96
C ASP A 235 8.50 -21.62 -11.93
N ALA A 236 8.42 -20.29 -11.92
CA ALA A 236 7.58 -19.59 -12.88
C ALA A 236 8.05 -19.81 -14.32
N LEU A 237 9.37 -19.90 -14.51
CA LEU A 237 9.92 -20.21 -15.84
C LEU A 237 9.45 -21.58 -16.32
N ALA A 238 9.53 -22.55 -15.41
CA ALA A 238 9.11 -23.91 -15.71
C ALA A 238 7.60 -23.97 -15.97
N LEU A 239 6.83 -23.23 -15.20
CA LEU A 239 5.39 -23.17 -15.45
C LEU A 239 5.13 -22.60 -16.84
N GLY A 240 5.76 -21.47 -17.16
CA GLY A 240 5.54 -20.81 -18.45
C GLY A 240 5.90 -21.69 -19.64
N ARG A 241 7.02 -22.41 -19.54
N ARG A 241 7.02 -22.41 -19.54
CA ARG A 241 7.44 -23.31 -20.60
CA ARG A 241 7.44 -23.28 -20.63
C ARG A 241 6.39 -24.38 -20.84
C ARG A 241 6.43 -24.41 -20.84
N GLY A 242 5.84 -24.88 -19.76
CA GLY A 242 4.81 -25.92 -19.83
C GLY A 242 3.54 -25.42 -20.50
N LEU A 243 3.17 -24.17 -20.21
CA LEU A 243 2.00 -23.53 -20.80
C LEU A 243 2.14 -23.29 -22.29
N GLU A 244 3.36 -23.04 -22.74
CA GLU A 244 3.62 -22.81 -24.15
C GLU A 244 3.27 -24.04 -24.98
N LYS A 245 3.56 -25.23 -24.45
CA LYS A 245 3.25 -26.46 -25.16
C LYS A 245 1.74 -26.74 -25.22
N LEU A 246 0.98 -26.04 -24.38
CA LEU A 246 -0.48 -26.17 -24.38
C LEU A 246 -1.17 -24.98 -25.05
N GLY A 247 -0.39 -24.09 -25.66
CA GLY A 247 -0.99 -22.99 -26.40
C GLY A 247 -1.80 -22.01 -25.56
N PHE A 248 -1.43 -21.82 -24.29
CA PHE A 248 -2.15 -20.87 -23.45
C PHE A 248 -1.91 -19.43 -23.91
N ASP A 249 -2.90 -18.57 -23.69
CA ASP A 249 -2.85 -17.17 -24.14
C ASP A 249 -2.04 -16.26 -23.23
N TRP A 250 -2.12 -16.50 -21.92
CA TRP A 250 -1.30 -15.71 -21.01
C TRP A 250 -1.00 -16.43 -19.71
N ILE A 251 0.06 -16.00 -19.05
CA ILE A 251 0.35 -16.42 -17.69
C ILE A 251 0.24 -15.17 -16.82
N GLU A 252 -0.41 -15.30 -15.67
CA GLU A 252 -0.73 -14.14 -14.86
C GLU A 252 -0.20 -14.33 -13.43
N GLU A 253 0.45 -13.30 -12.92
CA GLU A 253 0.96 -13.21 -11.55
C GLU A 253 1.55 -14.49 -10.93
N PRO A 254 2.54 -15.11 -11.61
CA PRO A 254 3.12 -16.30 -10.98
C PRO A 254 4.20 -15.94 -9.96
N MET A 255 4.58 -14.67 -9.87
CA MET A 255 5.62 -14.24 -8.93
C MET A 255 5.20 -13.00 -8.17
N ASP A 256 5.92 -12.71 -7.08
CA ASP A 256 5.66 -11.54 -6.28
C ASP A 256 5.86 -10.29 -7.14
N GLU A 257 4.79 -9.53 -7.36
CA GLU A 257 4.84 -8.35 -8.24
C GLU A 257 5.64 -7.17 -7.67
N GLN A 258 6.09 -7.29 -6.43
CA GLN A 258 6.96 -6.26 -5.88
C GLN A 258 8.33 -6.27 -6.58
N SER A 259 8.62 -7.35 -7.31
CA SER A 259 9.86 -7.46 -8.08
C SER A 259 9.62 -7.21 -9.56
N LEU A 260 9.69 -5.94 -9.95
CA LEU A 260 9.60 -5.56 -11.36
C LEU A 260 10.65 -6.30 -12.18
N SER A 261 11.88 -6.38 -11.64
CA SER A 261 13.00 -7.04 -12.32
C SER A 261 12.73 -8.50 -12.64
N SER A 262 12.05 -9.20 -11.73
CA SER A 262 11.74 -10.61 -11.94
C SER A 262 10.79 -10.77 -13.13
N TYR A 263 9.84 -9.84 -13.26
CA TYR A 263 8.90 -9.89 -14.37
C TYR A 263 9.53 -9.53 -15.71
N LYS A 264 10.47 -8.58 -15.70
CA LYS A 264 11.23 -8.27 -16.91
C LYS A 264 11.99 -9.53 -17.36
N TRP A 265 12.62 -10.19 -16.40
CA TRP A 265 13.38 -11.41 -16.70
C TRP A 265 12.44 -12.50 -17.23
N LEU A 266 11.31 -12.68 -16.56
CA LEU A 266 10.40 -13.75 -16.95
C LEU A 266 9.83 -13.51 -18.34
N SER A 267 9.37 -12.28 -18.61
CA SER A 267 8.84 -11.94 -19.92
C SER A 267 9.89 -12.11 -21.00
N ASP A 268 11.11 -11.67 -20.71
CA ASP A 268 12.18 -11.82 -21.72
C ASP A 268 12.46 -13.29 -22.06
N ASN A 269 12.28 -14.17 -21.08
CA ASN A 269 12.57 -15.58 -21.30
C ASN A 269 11.42 -16.35 -21.94
N LEU A 270 10.20 -16.05 -21.53
CA LEU A 270 9.03 -16.77 -22.00
C LEU A 270 8.54 -16.27 -23.34
N ASP A 271 8.07 -17.20 -24.18
CA ASP A 271 7.36 -16.82 -25.39
C ASP A 271 5.89 -16.46 -25.08
N ILE A 272 5.28 -17.17 -24.14
CA ILE A 272 3.87 -16.91 -23.77
C ILE A 272 3.75 -15.51 -23.15
N PRO A 273 2.70 -14.76 -23.53
CA PRO A 273 2.49 -13.43 -22.94
C PRO A 273 2.32 -13.47 -21.42
N VAL A 274 3.02 -12.55 -20.76
CA VAL A 274 2.90 -12.33 -19.32
C VAL A 274 1.99 -11.13 -19.11
N VAL A 275 0.99 -11.26 -18.25
CA VAL A 275 0.08 -10.15 -18.01
C VAL A 275 0.25 -9.65 -16.57
N GLY A 276 0.26 -8.33 -16.40
CA GLY A 276 0.44 -7.75 -15.08
C GLY A 276 0.71 -6.25 -15.17
N PRO A 277 0.81 -5.56 -14.01
CA PRO A 277 0.71 -6.15 -12.67
C PRO A 277 -0.70 -6.02 -12.13
N GLU A 278 -1.19 -7.03 -11.43
CA GLU A 278 -2.52 -6.92 -10.86
C GLU A 278 -2.52 -6.26 -9.50
N SER A 279 -1.62 -6.70 -8.61
CA SER A 279 -1.73 -6.31 -7.22
C SER A 279 -0.78 -5.20 -6.80
N ALA A 280 0.20 -4.88 -7.66
CA ALA A 280 1.19 -3.88 -7.31
C ALA A 280 0.55 -2.52 -7.03
N ALA A 281 1.09 -1.81 -6.04
CA ALA A 281 0.63 -0.46 -5.71
C ALA A 281 1.08 0.57 -6.76
N GLY A 282 0.79 1.85 -6.51
CA GLY A 282 1.26 2.91 -7.37
C GLY A 282 0.39 3.21 -8.59
N LYS A 283 -0.76 2.55 -8.70
CA LYS A 283 -1.79 2.93 -9.68
C LYS A 283 -1.24 3.00 -11.11
N HIS A 284 -1.62 4.03 -11.87
CA HIS A 284 -1.18 4.16 -13.26
C HIS A 284 0.28 4.56 -13.38
N TRP A 285 0.77 5.28 -12.38
CA TRP A 285 2.18 5.72 -12.34
C TRP A 285 3.09 4.51 -12.34
N HIS A 286 2.80 3.55 -11.47
CA HIS A 286 3.66 2.37 -11.42
C HIS A 286 3.46 1.47 -12.63
N ARG A 287 2.24 1.42 -13.14
CA ARG A 287 1.99 0.62 -14.34
C ARG A 287 2.75 1.14 -15.55
N ALA A 288 2.99 2.45 -15.61
CA ALA A 288 3.85 3.01 -16.65
C ALA A 288 5.25 2.41 -16.60
N GLU A 289 5.73 2.15 -15.38
CA GLU A 289 7.07 1.60 -15.23
C GLU A 289 7.14 0.17 -15.72
N TRP A 290 6.01 -0.55 -15.62
CA TRP A 290 5.94 -1.91 -16.13
C TRP A 290 6.03 -1.90 -17.65
N ILE A 291 5.43 -0.90 -18.27
CA ILE A 291 5.56 -0.77 -19.72
C ILE A 291 6.99 -0.44 -20.10
N LYS A 292 7.58 0.55 -19.43
CA LYS A 292 8.91 1.04 -19.80
C LYS A 292 9.97 -0.04 -19.62
N ALA A 293 9.84 -0.82 -18.55
CA ALA A 293 10.81 -1.86 -18.24
C ALA A 293 10.56 -3.13 -19.06
N GLY A 294 9.45 -3.18 -19.78
CA GLY A 294 9.10 -4.40 -20.49
C GLY A 294 8.88 -5.55 -19.53
N ALA A 295 8.22 -5.28 -18.41
CA ALA A 295 7.98 -6.34 -17.42
C ALA A 295 6.74 -7.17 -17.72
N CYS A 296 5.98 -6.76 -18.73
CA CYS A 296 4.81 -7.54 -19.15
C CYS A 296 4.57 -7.34 -20.63
N ASP A 297 3.78 -8.24 -21.21
CA ASP A 297 3.39 -8.14 -22.61
C ASP A 297 1.99 -7.58 -22.74
N ILE A 298 1.20 -7.75 -21.68
CA ILE A 298 -0.17 -7.25 -21.61
C ILE A 298 -0.27 -6.58 -20.26
N LEU A 299 -0.79 -5.36 -20.21
CA LEU A 299 -0.88 -4.62 -18.94
C LEU A 299 -2.10 -5.13 -18.15
N ARG A 300 -2.11 -4.87 -16.85
CA ARG A 300 -3.31 -5.20 -16.05
C ARG A 300 -3.71 -3.99 -15.22
N THR A 301 -5.01 -3.82 -15.06
CA THR A 301 -5.53 -2.80 -14.16
C THR A 301 -6.79 -3.38 -13.52
N GLY A 302 -7.39 -2.62 -12.61
CA GLY A 302 -8.65 -3.02 -12.02
C GLY A 302 -9.11 -1.87 -11.17
N VAL A 303 -10.41 -1.67 -11.07
CA VAL A 303 -10.93 -0.57 -10.29
C VAL A 303 -10.43 -0.62 -8.87
N ASN A 304 -10.43 -1.82 -8.28
CA ASN A 304 -9.96 -1.94 -6.90
C ASN A 304 -8.46 -1.86 -6.78
N ASP A 305 -7.76 -2.25 -7.85
CA ASP A 305 -6.32 -2.30 -7.82
C ASP A 305 -5.65 -0.94 -7.98
N VAL A 306 -6.28 -0.02 -8.70
CA VAL A 306 -5.66 1.28 -8.93
C VAL A 306 -6.41 2.45 -8.31
N GLY A 307 -7.48 2.16 -7.56
CA GLY A 307 -8.14 3.17 -6.77
C GLY A 307 -9.29 3.90 -7.46
N GLY A 308 -9.98 3.21 -8.36
CA GLY A 308 -11.21 3.75 -8.92
C GLY A 308 -11.35 3.62 -10.42
N ILE A 309 -12.53 4.00 -10.90
CA ILE A 309 -12.80 4.05 -12.33
C ILE A 309 -11.92 5.11 -12.98
N THR A 310 -11.75 6.25 -12.31
CA THR A 310 -10.95 7.34 -12.89
C THR A 310 -9.51 6.87 -13.20
N PRO A 311 -8.79 6.33 -12.20
CA PRO A 311 -7.44 5.87 -12.58
C PRO A 311 -7.40 4.59 -13.41
N ALA A 312 -8.45 3.77 -13.40
CA ALA A 312 -8.44 2.59 -14.27
C ALA A 312 -8.50 3.05 -15.71
N LEU A 313 -9.31 4.07 -15.97
CA LEU A 313 -9.37 4.64 -17.31
C LEU A 313 -8.00 5.18 -17.75
N LYS A 314 -7.31 5.88 -16.84
CA LYS A 314 -5.94 6.36 -17.12
C LYS A 314 -5.03 5.22 -17.53
N THR A 315 -5.12 4.09 -16.81
N THR A 315 -5.11 4.10 -16.81
CA THR A 315 -4.26 2.94 -17.09
CA THR A 315 -4.27 2.94 -17.11
C THR A 315 -4.58 2.39 -18.48
C THR A 315 -4.57 2.38 -18.49
N MET A 316 -5.85 2.35 -18.85
CA MET A 316 -6.26 1.85 -20.17
C MET A 316 -5.70 2.73 -21.27
N HIS A 317 -5.74 4.04 -21.06
CA HIS A 317 -5.26 5.00 -22.03
C HIS A 317 -3.75 4.91 -22.15
N LEU A 318 -3.07 4.79 -21.01
CA LEU A 318 -1.62 4.57 -20.99
C LEU A 318 -1.26 3.36 -21.85
N ALA A 319 -1.91 2.23 -21.60
CA ALA A 319 -1.64 1.02 -22.38
C ALA A 319 -1.93 1.21 -23.87
N GLU A 320 -3.06 1.83 -24.19
CA GLU A 320 -3.44 2.02 -25.59
C GLU A 320 -2.37 2.85 -26.34
N ALA A 321 -1.80 3.85 -25.68
CA ALA A 321 -0.78 4.69 -26.34
C ALA A 321 0.46 3.89 -26.70
N PHE A 322 0.71 2.79 -25.98
CA PHE A 322 1.81 1.90 -26.34
C PHE A 322 1.37 0.77 -27.24
N GLY A 323 0.12 0.82 -27.70
CA GLY A 323 -0.39 -0.21 -28.60
C GLY A 323 -0.61 -1.52 -27.87
N MET A 324 -0.77 -1.42 -26.56
CA MET A 324 -0.92 -2.61 -25.70
C MET A 324 -2.36 -2.81 -25.25
N GLU A 325 -2.70 -4.06 -24.97
CA GLU A 325 -3.94 -4.35 -24.29
C GLU A 325 -3.75 -4.23 -22.80
N CYS A 326 -4.83 -3.93 -22.09
CA CYS A 326 -4.78 -3.83 -20.63
C CYS A 326 -6.01 -4.56 -20.12
N GLU A 327 -5.80 -5.73 -19.51
CA GLU A 327 -6.92 -6.57 -19.10
C GLU A 327 -7.38 -6.18 -17.72
N VAL A 328 -8.70 -6.10 -17.53
CA VAL A 328 -9.27 -5.46 -16.36
C VAL A 328 -9.63 -6.49 -15.29
N HIS A 329 -9.02 -6.38 -14.12
CA HIS A 329 -9.20 -7.36 -13.06
C HIS A 329 -10.50 -7.11 -12.31
N GLY A 330 -11.33 -8.14 -12.24
CA GLY A 330 -12.46 -8.12 -11.33
C GLY A 330 -13.79 -8.10 -12.03
N ASN A 331 -14.77 -8.72 -11.40
CA ASN A 331 -16.14 -8.65 -11.91
C ASN A 331 -16.84 -7.43 -11.30
N THR A 332 -18.17 -7.41 -11.42
CA THR A 332 -19.05 -6.31 -10.95
C THR A 332 -19.11 -5.11 -11.89
N ALA A 333 -20.16 -4.31 -11.70
CA ALA A 333 -20.48 -3.19 -12.59
C ALA A 333 -19.31 -2.23 -12.82
N MET A 334 -18.57 -1.91 -11.76
CA MET A 334 -17.51 -0.89 -11.88
C MET A 334 -16.47 -1.28 -12.92
N ASN A 335 -16.05 -2.54 -12.91
CA ASN A 335 -15.10 -3.01 -13.91
C ASN A 335 -15.73 -3.18 -15.29
N LEU A 336 -16.98 -3.63 -15.32
CA LEU A 336 -17.67 -3.81 -16.59
C LEU A 336 -17.79 -2.49 -17.36
N HIS A 337 -18.03 -1.39 -16.65
CA HIS A 337 -18.16 -0.10 -17.32
C HIS A 337 -16.82 0.40 -17.89
N VAL A 338 -15.72 0.08 -17.20
CA VAL A 338 -14.39 0.43 -17.72
C VAL A 338 -14.16 -0.35 -19.01
N VAL A 339 -14.47 -1.63 -18.98
CA VAL A 339 -14.31 -2.48 -20.16
C VAL A 339 -15.19 -1.98 -21.31
N ALA A 340 -16.41 -1.58 -20.99
CA ALA A 340 -17.35 -1.12 -22.03
C ALA A 340 -16.93 0.22 -22.67
N ALA A 341 -16.19 1.03 -21.92
CA ALA A 341 -15.80 2.36 -22.39
C ALA A 341 -14.49 2.33 -23.19
N THR A 342 -13.82 1.18 -23.22
CA THR A 342 -12.49 1.13 -23.83
C THR A 342 -12.39 0.03 -24.89
N LYS A 343 -11.38 0.12 -25.76
CA LYS A 343 -11.24 -0.84 -26.85
C LYS A 343 -10.17 -1.90 -26.58
N ASN A 344 -9.10 -1.48 -25.91
CA ASN A 344 -7.89 -2.29 -25.83
C ASN A 344 -7.90 -3.25 -24.66
N CYS A 345 -9.00 -4.00 -24.55
CA CYS A 345 -9.18 -4.99 -23.50
C CYS A 345 -9.98 -6.10 -24.15
N ARG A 346 -9.51 -7.34 -24.04
CA ARG A 346 -10.16 -8.42 -24.77
C ARG A 346 -11.40 -8.94 -24.05
N TRP A 347 -11.39 -8.85 -22.72
CA TRP A 347 -12.40 -9.53 -21.93
C TRP A 347 -12.95 -8.72 -20.76
N TYR A 348 -14.12 -9.13 -20.31
CA TYR A 348 -14.58 -8.86 -18.96
C TYR A 348 -14.36 -10.13 -18.15
N GLU A 349 -13.88 -10.00 -16.93
CA GLU A 349 -13.59 -11.14 -16.07
C GLU A 349 -14.85 -11.50 -15.29
N ARG A 350 -15.45 -12.65 -15.62
CA ARG A 350 -16.68 -13.08 -14.98
C ARG A 350 -16.39 -14.23 -14.03
N GLY A 351 -16.58 -14.00 -12.74
CA GLY A 351 -16.17 -14.96 -11.74
C GLY A 351 -15.99 -14.29 -10.39
N LEU A 352 -15.46 -14.99 -9.40
CA LEU A 352 -14.89 -16.33 -9.56
C LEU A 352 -15.96 -17.43 -9.60
N LEU A 353 -15.70 -18.46 -10.40
CA LEU A 353 -16.65 -19.55 -10.65
C LEU A 353 -16.18 -20.86 -10.06
N HIS A 354 -17.14 -21.71 -9.71
CA HIS A 354 -16.88 -23.00 -9.09
C HIS A 354 -18.05 -23.90 -9.42
N PRO A 355 -17.79 -25.21 -9.64
CA PRO A 355 -18.94 -26.06 -9.99
C PRO A 355 -20.03 -26.15 -8.91
N PHE A 356 -19.67 -25.88 -7.64
CA PHE A 356 -20.64 -26.00 -6.56
C PHE A 356 -21.52 -24.76 -6.46
N LEU A 357 -21.13 -23.68 -7.13
CA LEU A 357 -21.88 -22.43 -7.06
C LEU A 357 -22.55 -22.09 -8.38
N GLU A 358 -23.61 -21.31 -8.33
CA GLU A 358 -24.25 -20.82 -9.54
C GLU A 358 -24.11 -19.30 -9.61
N TYR A 359 -23.17 -18.85 -10.42
CA TYR A 359 -22.88 -17.42 -10.56
C TYR A 359 -24.11 -16.63 -10.96
N ASP A 360 -24.90 -17.19 -11.88
CA ASP A 360 -26.08 -16.48 -12.40
C ASP A 360 -27.18 -16.25 -11.36
N ASP A 361 -27.02 -16.83 -10.17
CA ASP A 361 -27.97 -16.57 -9.07
C ASP A 361 -27.83 -15.16 -8.49
N GLY A 362 -26.65 -14.56 -8.66
CA GLY A 362 -26.41 -13.20 -8.20
C GLY A 362 -26.27 -13.05 -6.70
N HIS A 363 -26.70 -11.89 -6.19
CA HIS A 363 -26.57 -11.56 -4.78
C HIS A 363 -27.92 -11.18 -4.21
N ASP A 364 -28.15 -11.45 -2.93
CA ASP A 364 -29.45 -11.16 -2.34
C ASP A 364 -29.73 -9.66 -2.29
N TYR A 365 -28.68 -8.84 -2.28
CA TYR A 365 -28.86 -7.39 -2.18
C TYR A 365 -28.97 -6.67 -3.53
N LEU A 366 -28.95 -7.44 -4.62
CA LEU A 366 -29.17 -6.91 -5.97
C LEU A 366 -30.34 -7.60 -6.66
N LYS A 367 -31.27 -6.82 -7.19
CA LYS A 367 -32.51 -7.38 -7.76
C LYS A 367 -32.26 -8.13 -9.07
N SER A 368 -31.17 -7.80 -9.75
CA SER A 368 -30.80 -8.51 -10.97
C SER A 368 -29.30 -8.37 -11.19
N LEU A 369 -28.77 -9.14 -12.15
CA LEU A 369 -27.33 -9.17 -12.41
C LEU A 369 -26.81 -7.90 -13.05
N SER A 370 -25.61 -7.48 -12.65
CA SER A 370 -24.96 -6.35 -13.30
C SER A 370 -24.28 -6.80 -14.60
N ASP A 371 -24.08 -8.11 -14.73
CA ASP A 371 -23.31 -8.64 -15.86
C ASP A 371 -23.94 -9.88 -16.50
N PRO A 372 -25.19 -9.75 -16.99
CA PRO A 372 -25.80 -10.95 -17.56
C PRO A 372 -25.08 -11.39 -18.83
N MET A 373 -24.93 -12.70 -19.02
CA MET A 373 -24.22 -13.21 -20.19
C MET A 373 -25.12 -14.08 -21.06
N ASP A 374 -25.14 -13.79 -22.35
CA ASP A 374 -25.92 -14.60 -23.29
C ASP A 374 -25.27 -15.94 -23.56
N ARG A 375 -25.93 -16.78 -24.36
CA ARG A 375 -25.42 -18.12 -24.62
C ARG A 375 -24.24 -18.13 -25.57
N ASP A 376 -23.87 -16.97 -26.10
CA ASP A 376 -22.71 -16.89 -26.98
C ASP A 376 -21.47 -16.36 -26.24
N GLY A 377 -21.62 -16.13 -24.94
CA GLY A 377 -20.50 -15.69 -24.12
C GLY A 377 -20.26 -14.19 -24.10
N PHE A 378 -21.27 -13.41 -24.50
CA PHE A 378 -21.18 -11.95 -24.38
C PHE A 378 -21.93 -11.45 -23.16
N VAL A 379 -21.26 -10.64 -22.35
CA VAL A 379 -21.95 -9.93 -21.27
C VAL A 379 -22.56 -8.66 -21.84
N HIS A 380 -23.81 -8.38 -21.51
CA HIS A 380 -24.48 -7.17 -21.98
C HIS A 380 -24.55 -6.14 -20.86
N VAL A 381 -23.99 -4.95 -21.08
CA VAL A 381 -24.05 -3.92 -20.06
C VAL A 381 -25.49 -3.48 -19.89
N PRO A 382 -26.00 -3.51 -18.65
CA PRO A 382 -27.38 -3.08 -18.38
C PRO A 382 -27.60 -1.65 -18.83
N ASP A 383 -28.75 -1.37 -19.44
CA ASP A 383 -29.07 -0.01 -19.82
C ASP A 383 -29.76 0.67 -18.65
N ARG A 384 -29.01 0.83 -17.56
CA ARG A 384 -29.49 1.45 -16.34
C ARG A 384 -28.48 2.55 -15.99
N PRO A 385 -28.96 3.65 -15.37
CA PRO A 385 -28.11 4.81 -15.09
C PRO A 385 -27.03 4.53 -14.05
N GLY A 386 -25.98 5.35 -14.04
CA GLY A 386 -24.88 5.18 -13.13
C GLY A 386 -24.18 3.86 -13.40
N LEU A 387 -23.74 3.20 -12.35
CA LEU A 387 -23.10 1.89 -12.50
C LEU A 387 -24.11 0.82 -12.88
N GLY A 388 -25.40 1.15 -12.74
CA GLY A 388 -26.43 0.22 -13.16
C GLY A 388 -26.64 -0.93 -12.20
N GLU A 389 -26.18 -0.80 -10.97
CA GLU A 389 -26.42 -1.84 -9.99
C GLU A 389 -27.85 -1.73 -9.51
N ASP A 390 -28.61 -2.81 -9.65
CA ASP A 390 -30.05 -2.79 -9.34
C ASP A 390 -30.23 -3.06 -7.85
N ILE A 391 -30.05 -2.03 -7.04
CA ILE A 391 -29.87 -2.22 -5.60
C ILE A 391 -31.18 -2.50 -4.90
N ASP A 392 -31.18 -3.52 -4.04
CA ASP A 392 -32.38 -3.82 -3.26
C ASP A 392 -32.24 -3.09 -1.92
N PHE A 393 -32.63 -1.81 -1.93
CA PHE A 393 -32.49 -0.96 -0.74
C PHE A 393 -33.31 -1.50 0.42
N THR A 394 -34.45 -2.10 0.11
CA THR A 394 -35.31 -2.69 1.14
C THR A 394 -34.63 -3.87 1.84
N PHE A 395 -34.01 -4.75 1.07
CA PHE A 395 -33.26 -5.86 1.64
C PHE A 395 -32.17 -5.31 2.58
N ILE A 396 -31.46 -4.29 2.09
CA ILE A 396 -30.35 -3.74 2.83
C ILE A 396 -30.83 -3.15 4.14
N ASP A 397 -31.98 -2.50 4.12
CA ASP A 397 -32.51 -1.94 5.35
C ASP A 397 -33.02 -3.01 6.31
N ASN A 398 -33.63 -4.06 5.78
CA ASN A 398 -34.11 -5.15 6.62
C ASN A 398 -32.96 -5.95 7.25
N ASN A 399 -31.77 -5.83 6.66
CA ASN A 399 -30.65 -6.65 7.10
C ASN A 399 -29.48 -5.86 7.67
N ARG A 400 -29.78 -4.66 8.19
CA ARG A 400 -28.75 -3.78 8.75
C ARG A 400 -28.02 -4.34 9.95
N VAL A 401 -26.75 -3.96 10.07
CA VAL A 401 -25.94 -4.23 11.24
C VAL A 401 -25.67 -2.88 11.88
N ARG A 402 -25.14 -1.99 11.04
CA ARG A 402 -24.80 -0.62 11.40
C ARG A 402 -24.65 0.20 10.11
N SER B 19 10.21 -25.53 25.06
CA SER B 19 9.07 -24.83 24.48
C SER B 19 8.84 -23.47 25.16
N HIS B 20 9.85 -23.01 25.89
CA HIS B 20 9.79 -21.71 26.55
C HIS B 20 9.83 -20.57 25.53
N MET B 21 10.19 -20.88 24.29
CA MET B 21 10.36 -19.83 23.27
C MET B 21 9.10 -19.64 22.42
N ILE B 22 8.09 -20.46 22.68
CA ILE B 22 6.85 -20.41 21.92
C ILE B 22 6.00 -19.21 22.33
N ILE B 23 5.46 -18.49 21.35
CA ILE B 23 4.61 -17.33 21.60
C ILE B 23 3.24 -17.78 22.10
N THR B 24 2.81 -17.22 23.23
CA THR B 24 1.52 -17.56 23.82
C THR B 24 0.47 -16.46 23.68
N ASP B 25 0.92 -15.21 23.67
CA ASP B 25 -0.03 -14.10 23.64
C ASP B 25 0.43 -12.96 22.74
N VAL B 26 -0.54 -12.30 22.11
CA VAL B 26 -0.32 -11.02 21.43
C VAL B 26 -1.33 -10.03 21.98
N GLU B 27 -0.84 -8.93 22.57
CA GLU B 27 -1.71 -7.98 23.27
C GLU B 27 -1.47 -6.55 22.84
N VAL B 28 -2.54 -5.77 22.80
CA VAL B 28 -2.45 -4.34 22.47
C VAL B 28 -3.00 -3.54 23.64
N ARG B 29 -2.23 -2.57 24.10
CA ARG B 29 -2.71 -1.64 25.11
C ARG B 29 -2.75 -0.24 24.54
N VAL B 30 -3.94 0.35 24.50
CA VAL B 30 -4.10 1.73 24.04
C VAL B 30 -4.12 2.65 25.25
N PHE B 31 -3.29 3.69 25.22
CA PHE B 31 -3.20 4.62 26.34
C PHE B 31 -3.11 6.06 25.83
N ARG B 32 -3.36 7.02 26.71
CA ARG B 32 -3.26 8.43 26.33
C ARG B 32 -1.90 9.03 26.66
N THR B 33 -1.31 9.69 25.67
CA THR B 33 -0.04 10.41 25.85
C THR B 33 -0.31 11.89 25.67
N THR B 34 0.37 12.71 26.46
CA THR B 34 0.22 14.15 26.38
C THR B 34 1.31 14.70 25.50
N THR B 35 0.91 15.42 24.45
CA THR B 35 1.86 15.93 23.49
C THR B 35 1.40 17.27 22.93
N ARG B 36 2.36 18.05 22.44
CA ARG B 36 2.04 19.29 21.73
C ARG B 36 2.13 19.09 20.22
N ARG B 37 2.52 17.88 19.81
CA ARG B 37 2.58 17.58 18.38
C ARG B 37 1.18 17.31 17.84
N HIS B 38 0.81 18.03 16.78
CA HIS B 38 -0.42 17.75 16.05
C HIS B 38 -0.05 17.35 14.63
N SER B 39 -1.01 16.78 13.92
CA SER B 39 -0.84 16.50 12.49
C SER B 39 -1.98 17.11 11.71
N ASP B 40 -1.65 17.88 10.67
CA ASP B 40 -2.68 18.52 9.85
C ASP B 40 -3.46 17.50 9.01
N SER B 41 -4.38 18.00 8.20
CA SER B 41 -5.22 17.15 7.36
C SER B 41 -4.41 16.31 6.35
N ALA B 42 -3.20 16.79 6.02
CA ALA B 42 -2.34 16.09 5.07
C ALA B 42 -1.38 15.11 5.77
N GLY B 43 -1.36 15.12 7.11
CA GLY B 43 -0.49 14.21 7.85
C GLY B 43 0.84 14.80 8.31
N HIS B 44 1.02 16.11 8.15
CA HIS B 44 2.27 16.77 8.55
C HIS B 44 2.21 17.24 10.00
N ALA B 45 3.31 17.04 10.73
CA ALA B 45 3.38 17.44 12.13
C ALA B 45 3.56 18.96 12.30
N HIS B 46 2.93 19.50 13.34
CA HIS B 46 3.07 20.91 13.71
C HIS B 46 2.95 21.03 15.22
N PRO B 47 3.56 22.07 15.81
CA PRO B 47 3.32 22.25 17.25
C PRO B 47 1.98 22.98 17.45
N GLY B 48 1.27 22.61 18.50
CA GLY B 48 -0.04 23.17 18.79
C GLY B 48 -0.34 23.03 20.27
N PRO B 49 -1.63 23.10 20.65
CA PRO B 49 -2.00 22.97 22.07
C PRO B 49 -1.60 21.62 22.64
N ALA B 50 -1.12 21.60 23.88
CA ALA B 50 -0.93 20.34 24.60
C ALA B 50 -2.28 19.66 24.63
N HIS B 51 -2.29 18.38 24.28
CA HIS B 51 -3.52 17.60 24.28
C HIS B 51 -3.19 16.11 24.43
N GLN B 52 -4.21 15.31 24.69
CA GLN B 52 -3.99 13.88 24.84
C GLN B 52 -4.31 13.16 23.54
N VAL B 53 -3.38 12.30 23.13
CA VAL B 53 -3.51 11.52 21.90
C VAL B 53 -3.46 10.05 22.28
N GLU B 54 -4.23 9.21 21.60
CA GLU B 54 -4.18 7.77 21.85
C GLU B 54 -2.97 7.13 21.18
N GLN B 55 -2.25 6.32 21.94
CA GLN B 55 -1.04 5.64 21.48
C GLN B 55 -1.21 4.16 21.78
N ALA B 56 -0.70 3.29 20.91
CA ALA B 56 -0.82 1.86 21.18
C ALA B 56 0.52 1.21 21.47
N MET B 57 0.52 0.23 22.39
CA MET B 57 1.69 -0.59 22.63
C MET B 57 1.34 -2.04 22.33
N LEU B 58 2.10 -2.66 21.42
CA LEU B 58 1.93 -4.08 21.11
C LEU B 58 2.88 -4.90 21.97
N THR B 59 2.37 -5.94 22.60
CA THR B 59 3.22 -6.86 23.36
C THR B 59 3.10 -8.29 22.86
N VAL B 60 4.26 -8.92 22.65
CA VAL B 60 4.33 -10.34 22.32
C VAL B 60 4.93 -11.07 23.52
N ARG B 61 4.24 -12.12 23.99
CA ARG B 61 4.70 -12.86 25.16
C ARG B 61 4.92 -14.33 24.83
N THR B 62 5.97 -14.91 25.43
CA THR B 62 6.27 -16.32 25.27
C THR B 62 5.86 -17.13 26.50
N GLU B 63 5.90 -18.47 26.37
CA GLU B 63 5.52 -19.38 27.46
C GLU B 63 6.19 -19.09 28.79
N ASP B 64 7.47 -18.73 28.75
CA ASP B 64 8.23 -18.45 29.96
C ASP B 64 8.00 -17.05 30.51
N GLY B 65 7.06 -16.32 29.91
CA GLY B 65 6.68 -15.02 30.43
C GLY B 65 7.50 -13.84 29.91
N GLN B 66 8.51 -14.11 29.08
CA GLN B 66 9.30 -13.04 28.49
C GLN B 66 8.43 -12.22 27.52
N GLU B 67 8.74 -10.93 27.40
CA GLU B 67 7.91 -10.03 26.59
C GLU B 67 8.77 -9.12 25.71
N GLY B 68 8.21 -8.75 24.57
CA GLY B 68 8.78 -7.72 23.72
C GLY B 68 7.69 -6.71 23.39
N HIS B 69 8.06 -5.44 23.26
CA HIS B 69 7.06 -4.39 23.07
C HIS B 69 7.44 -3.44 21.94
N SER B 70 6.44 -2.81 21.34
CA SER B 70 6.69 -1.75 20.38
C SER B 70 5.48 -0.83 20.25
N PHE B 71 5.74 0.41 19.86
CA PHE B 71 4.70 1.42 19.83
C PHE B 71 4.27 1.79 18.41
N THR B 72 2.98 2.06 18.24
CA THR B 72 2.42 2.50 16.96
C THR B 72 1.05 3.17 17.15
N ALA B 73 0.48 3.72 16.07
CA ALA B 73 -0.87 4.29 16.14
C ALA B 73 -1.89 3.18 16.34
N PRO B 74 -2.96 3.46 17.11
CA PRO B 74 -3.93 2.41 17.45
C PRO B 74 -4.55 1.71 16.24
N GLU B 75 -4.84 2.44 15.17
CA GLU B 75 -5.49 1.82 14.01
C GLU B 75 -4.63 0.71 13.41
N ILE B 76 -3.31 0.86 13.55
CA ILE B 76 -2.35 -0.06 12.92
C ILE B 76 -2.36 -1.43 13.60
N VAL B 77 -2.79 -1.45 14.86
CA VAL B 77 -2.87 -2.69 15.63
C VAL B 77 -4.26 -2.89 16.22
N ARG B 78 -5.28 -2.44 15.49
CA ARG B 78 -6.65 -2.58 15.96
C ARG B 78 -7.07 -4.06 15.94
N PRO B 79 -8.13 -4.42 16.68
CA PRO B 79 -8.54 -5.82 16.77
C PRO B 79 -8.71 -6.52 15.42
N HIS B 80 -9.25 -5.85 14.40
CA HIS B 80 -9.46 -6.52 13.12
C HIS B 80 -8.14 -7.11 12.64
N VAL B 81 -7.09 -6.31 12.74
CA VAL B 81 -5.79 -6.68 12.22
C VAL B 81 -5.11 -7.72 13.09
N ILE B 82 -5.23 -7.57 14.41
CA ILE B 82 -4.63 -8.52 15.35
C ILE B 82 -5.28 -9.90 15.23
N GLU B 83 -6.61 -9.91 15.19
CA GLU B 83 -7.33 -11.18 15.20
C GLU B 83 -7.25 -11.91 13.87
N LYS B 84 -7.42 -11.16 12.78
CA LYS B 84 -7.47 -11.79 11.46
C LYS B 84 -6.10 -12.20 10.90
N PHE B 85 -5.05 -11.47 11.28
CA PHE B 85 -3.72 -11.71 10.71
C PHE B 85 -2.66 -12.05 11.76
N VAL B 86 -2.41 -11.13 12.67
CA VAL B 86 -1.25 -11.22 13.54
C VAL B 86 -1.25 -12.46 14.45
N LYS B 87 -2.32 -12.66 15.20
CA LYS B 87 -2.38 -13.82 16.09
C LYS B 87 -2.24 -15.14 15.33
N LYS B 88 -2.89 -15.22 14.17
CA LYS B 88 -2.86 -16.43 13.35
C LYS B 88 -1.47 -16.80 12.85
N VAL B 89 -0.61 -15.80 12.67
CA VAL B 89 0.77 -16.07 12.26
C VAL B 89 1.65 -16.39 13.47
N LEU B 90 1.48 -15.61 14.56
CA LEU B 90 2.43 -15.66 15.67
C LEU B 90 2.16 -16.72 16.75
N ILE B 91 0.91 -16.84 17.19
CA ILE B 91 0.61 -17.71 18.33
C ILE B 91 1.01 -19.16 18.07
N GLY B 92 1.80 -19.74 18.98
CA GLY B 92 2.20 -21.14 18.84
C GLY B 92 3.52 -21.31 18.12
N GLU B 93 4.12 -20.20 17.71
CA GLU B 93 5.37 -20.26 16.96
C GLU B 93 6.56 -19.84 17.81
N ASP B 94 7.72 -20.40 17.49
CA ASP B 94 9.01 -20.01 18.07
C ASP B 94 9.25 -18.55 17.72
N HIS B 95 9.39 -17.69 18.73
CA HIS B 95 9.50 -16.25 18.47
C HIS B 95 10.79 -15.90 17.72
N ARG B 96 11.77 -16.80 17.73
CA ARG B 96 13.06 -16.50 17.10
C ARG B 96 13.05 -16.66 15.59
N ASP B 97 11.98 -17.22 15.05
CA ASP B 97 11.88 -17.46 13.61
C ASP B 97 11.36 -16.21 12.92
N ARG B 98 12.06 -15.10 13.11
CA ARG B 98 11.59 -13.80 12.65
C ARG B 98 11.42 -13.76 11.13
N GLU B 99 12.32 -14.42 10.41
CA GLU B 99 12.24 -14.44 8.95
C GLU B 99 11.00 -15.19 8.47
N ARG B 100 10.78 -16.39 9.00
CA ARG B 100 9.58 -17.15 8.67
C ARG B 100 8.30 -16.37 9.02
N LEU B 101 8.27 -15.77 10.21
CA LEU B 101 7.08 -15.05 10.64
C LEU B 101 6.85 -13.80 9.79
N TRP B 102 7.93 -13.08 9.48
CA TRP B 102 7.81 -11.91 8.62
C TRP B 102 7.29 -12.30 7.25
N GLN B 103 7.86 -13.35 6.67
CA GLN B 103 7.46 -13.77 5.33
C GLN B 103 6.01 -14.26 5.31
N ASP B 104 5.55 -14.91 6.39
CA ASP B 104 4.17 -15.35 6.51
C ASP B 104 3.22 -14.16 6.47
N LEU B 105 3.57 -13.11 7.21
CA LEU B 105 2.73 -11.92 7.26
C LEU B 105 2.77 -11.21 5.91
N ALA B 106 3.95 -11.12 5.32
CA ALA B 106 4.06 -10.49 4.00
C ALA B 106 3.19 -11.17 2.95
N HIS B 107 3.16 -12.50 2.98
CA HIS B 107 2.37 -13.28 2.03
C HIS B 107 0.87 -13.15 2.23
N TRP B 108 0.47 -12.60 3.37
CA TRP B 108 -0.95 -12.38 3.63
C TRP B 108 -1.43 -11.00 3.24
N GLN B 109 -0.51 -10.11 2.89
CA GLN B 109 -0.91 -8.74 2.57
C GLN B 109 -1.79 -8.66 1.32
N ARG B 110 -1.39 -9.39 0.29
CA ARG B 110 -2.08 -9.35 -1.00
C ARG B 110 -3.58 -9.60 -0.85
N GLY B 111 -3.94 -10.56 0.00
CA GLY B 111 -5.33 -10.94 0.15
C GLY B 111 -6.04 -10.30 1.33
N SER B 112 -5.47 -9.23 1.87
CA SER B 112 -5.94 -8.66 3.14
C SER B 112 -6.95 -7.54 2.98
N ALA B 113 -7.46 -7.34 1.76
CA ALA B 113 -8.38 -6.23 1.45
C ALA B 113 -7.78 -4.89 1.89
N ALA B 114 -6.46 -4.78 1.70
CA ALA B 114 -5.68 -3.56 1.97
C ALA B 114 -5.54 -3.25 3.46
N GLN B 115 -5.91 -4.18 4.33
CA GLN B 115 -5.86 -3.94 5.78
C GLN B 115 -4.58 -4.40 6.49
N LEU B 116 -3.86 -5.37 5.92
CA LEU B 116 -2.59 -5.76 6.54
C LEU B 116 -1.47 -4.95 5.89
N THR B 117 -1.08 -3.85 6.52
CA THR B 117 -0.17 -2.88 5.92
C THR B 117 1.26 -3.10 6.36
N ASP B 118 2.20 -2.44 5.67
CA ASP B 118 3.60 -2.50 6.06
C ASP B 118 3.77 -1.95 7.47
N ARG B 119 2.90 -1.01 7.86
CA ARG B 119 2.99 -0.46 9.22
C ARG B 119 2.72 -1.53 10.27
N THR B 120 1.76 -2.42 9.99
CA THR B 120 1.46 -3.53 10.90
C THR B 120 2.61 -4.52 10.97
N LEU B 121 3.16 -4.87 9.80
CA LEU B 121 4.35 -5.74 9.77
C LEU B 121 5.48 -5.14 10.58
N ALA B 122 5.65 -3.82 10.51
CA ALA B 122 6.77 -3.16 11.20
C ALA B 122 6.64 -3.28 12.72
N VAL B 123 5.45 -3.00 13.24
CA VAL B 123 5.32 -3.02 14.69
C VAL B 123 5.48 -4.45 15.22
N VAL B 124 4.96 -5.42 14.48
CA VAL B 124 5.10 -6.82 14.85
C VAL B 124 6.57 -7.25 14.83
N ASP B 125 7.26 -6.93 13.74
CA ASP B 125 8.67 -7.31 13.61
C ASP B 125 9.50 -6.67 14.71
N CYS B 126 9.19 -5.42 15.03
CA CYS B 126 9.93 -4.72 16.07
C CYS B 126 9.71 -5.34 17.44
N ALA B 127 8.46 -5.72 17.72
CA ALA B 127 8.15 -6.38 18.99
C ALA B 127 8.86 -7.72 19.12
N LEU B 128 9.00 -8.44 18.01
CA LEU B 128 9.74 -9.71 18.02
C LEU B 128 11.22 -9.50 18.27
N TRP B 129 11.80 -8.48 17.66
CA TRP B 129 13.20 -8.15 17.93
C TRP B 129 13.40 -7.76 19.39
N ASP B 130 12.48 -6.94 19.90
CA ASP B 130 12.57 -6.52 21.30
C ASP B 130 12.47 -7.71 22.23
N LEU B 131 11.59 -8.66 21.89
CA LEU B 131 11.44 -9.88 22.67
C LEU B 131 12.73 -10.69 22.69
N ALA B 132 13.36 -10.89 21.52
CA ALA B 132 14.64 -11.61 21.48
C ALA B 132 15.71 -10.93 22.31
N GLY B 133 15.79 -9.61 22.17
CA GLY B 133 16.81 -8.86 22.88
C GLY B 133 16.59 -8.87 24.39
N ARG B 134 15.36 -8.63 24.79
CA ARG B 134 15.02 -8.67 26.22
C ARG B 134 15.27 -10.08 26.79
N SER B 135 14.90 -11.10 26.05
CA SER B 135 15.09 -12.50 26.49
C SER B 135 16.55 -12.84 26.74
N LEU B 136 17.43 -12.28 25.92
CA LEU B 136 18.85 -12.63 25.94
C LEU B 136 19.65 -11.59 26.70
N GLY B 137 18.97 -10.51 27.10
CA GLY B 137 19.64 -9.40 27.78
C GLY B 137 20.60 -8.64 26.86
N GLN B 138 20.22 -8.50 25.59
CA GLN B 138 21.10 -7.91 24.58
C GLN B 138 20.41 -6.77 23.83
N PRO B 139 21.14 -5.66 23.63
CA PRO B 139 20.59 -4.60 22.76
C PRO B 139 20.42 -5.17 21.36
N VAL B 140 19.38 -4.75 20.65
CA VAL B 140 19.09 -5.32 19.33
C VAL B 140 20.26 -5.18 18.36
N TYR B 141 20.89 -4.01 18.33
CA TYR B 141 22.00 -3.82 17.39
C TYR B 141 23.18 -4.75 17.67
N LYS B 142 23.38 -5.10 18.93
CA LYS B 142 24.42 -6.07 19.30
C LYS B 142 24.07 -7.49 18.84
N LEU B 143 22.79 -7.84 18.90
CA LEU B 143 22.32 -9.15 18.43
C LEU B 143 22.49 -9.28 16.91
N ILE B 144 22.14 -8.22 16.20
CA ILE B 144 22.28 -8.19 14.74
C ILE B 144 23.76 -8.33 14.40
N GLY B 145 24.58 -7.58 15.13
CA GLY B 145 26.01 -7.51 14.88
C GLY B 145 26.36 -6.04 14.80
N GLY B 146 27.00 -5.52 15.84
CA GLY B 146 27.16 -4.08 15.95
C GLY B 146 28.16 -3.47 14.98
N TYR B 147 27.87 -2.26 14.49
CA TYR B 147 28.90 -1.51 13.76
C TYR B 147 29.42 -0.31 14.56
N ARG B 148 28.51 0.38 15.25
CA ARG B 148 28.89 1.58 15.99
C ARG B 148 27.99 1.79 17.20
N ASP B 149 28.55 2.30 18.29
CA ASP B 149 27.76 2.50 19.52
C ASP B 149 27.22 3.92 19.59
N LYS B 150 27.78 4.80 18.77
CA LYS B 150 27.25 6.15 18.67
C LYS B 150 27.22 6.54 17.20
N VAL B 151 26.41 7.54 16.86
CA VAL B 151 26.33 7.97 15.47
C VAL B 151 25.89 9.42 15.38
N LEU B 152 26.42 10.14 14.38
CA LEU B 152 26.04 11.53 14.17
C LEU B 152 24.55 11.61 13.85
N ALA B 153 23.87 12.58 14.44
CA ALA B 153 22.48 12.84 14.09
C ALA B 153 22.38 14.14 13.29
N TYR B 154 21.45 14.20 12.33
CA TYR B 154 21.08 15.50 11.79
C TYR B 154 19.79 15.96 12.46
N GLY B 155 19.67 17.27 12.65
CA GLY B 155 18.46 17.84 13.23
C GLY B 155 17.44 17.96 12.12
N SER B 156 16.37 17.18 12.24
CA SER B 156 15.33 17.14 11.21
C SER B 156 14.20 18.10 11.56
N ILE B 157 14.11 19.21 10.82
CA ILE B 157 13.20 20.30 11.16
C ILE B 157 11.78 20.00 10.68
N MET B 158 10.80 20.23 11.54
CA MET B 158 9.38 20.02 11.23
C MET B 158 8.97 20.80 9.97
N CYS B 159 7.91 20.34 9.29
CA CYS B 159 7.36 21.05 8.14
C CYS B 159 7.06 22.51 8.47
N GLY B 160 7.15 23.37 7.47
CA GLY B 160 6.89 24.78 7.65
C GLY B 160 5.48 25.10 8.11
N ASP B 161 5.31 26.24 8.78
CA ASP B 161 4.00 26.62 9.26
C ASP B 161 3.73 28.11 9.02
N GLU B 162 2.70 28.63 9.68
CA GLU B 162 2.36 30.05 9.58
C GLU B 162 2.31 30.62 10.99
N LEU B 163 3.09 30.02 11.88
CA LEU B 163 3.18 30.44 13.28
C LEU B 163 4.26 31.50 13.43
N GLU B 164 3.88 32.66 13.93
CA GLU B 164 4.83 33.75 14.12
C GLU B 164 6.01 33.34 15.00
N GLY B 165 7.22 33.52 14.50
CA GLY B 165 8.43 33.11 15.22
C GLY B 165 8.72 31.62 15.17
N GLY B 166 7.82 30.86 14.55
CA GLY B 166 7.99 29.41 14.45
C GLY B 166 8.80 29.02 13.24
N LEU B 167 8.12 28.62 12.17
CA LEU B 167 8.73 28.30 10.89
C LEU B 167 7.90 28.93 9.78
N ALA B 168 7.60 30.22 9.95
CA ALA B 168 6.72 30.95 9.05
C ALA B 168 7.47 31.66 7.92
N THR B 169 8.71 32.02 8.18
CA THR B 169 9.53 32.76 7.21
C THR B 169 10.86 32.06 6.95
N PRO B 170 11.53 32.42 5.83
CA PRO B 170 12.90 31.95 5.62
C PRO B 170 13.80 32.33 6.78
N GLU B 171 13.65 33.55 7.27
CA GLU B 171 14.41 34.02 8.43
C GLU B 171 14.22 33.13 9.66
N ASP B 172 12.99 32.63 9.85
CA ASP B 172 12.70 31.71 10.95
C ASP B 172 13.54 30.42 10.86
N TYR B 173 13.75 29.93 9.65
CA TYR B 173 14.55 28.73 9.49
C TYR B 173 16.01 28.99 9.88
N GLY B 174 16.54 30.12 9.43
CA GLY B 174 17.91 30.49 9.73
C GLY B 174 18.16 30.63 11.21
N ARG B 175 17.24 31.25 11.94
CA ARG B 175 17.42 31.42 13.39
C ARG B 175 17.39 30.08 14.09
N PHE B 176 16.45 29.21 13.69
CA PHE B 176 16.36 27.91 14.34
C PHE B 176 17.63 27.10 14.04
N ALA B 177 18.15 27.24 12.83
CA ALA B 177 19.37 26.53 12.45
C ALA B 177 20.56 26.91 13.35
N GLU B 178 20.66 28.19 13.70
CA GLU B 178 21.72 28.65 14.60
C GLU B 178 21.63 27.93 15.95
N THR B 179 20.41 27.80 16.45
CA THR B 179 20.14 27.13 17.71
C THR B 179 20.58 25.67 17.64
N LEU B 180 20.26 25.01 16.53
CA LEU B 180 20.65 23.61 16.32
C LEU B 180 22.16 23.42 16.28
N VAL B 181 22.87 24.33 15.61
CA VAL B 181 24.33 24.22 15.57
C VAL B 181 24.90 24.32 17.00
N LYS B 182 24.36 25.25 17.78
CA LYS B 182 24.76 25.38 19.18
C LYS B 182 24.52 24.09 19.98
N ARG B 183 23.40 23.42 19.70
CA ARG B 183 23.07 22.17 20.39
C ARG B 183 24.12 21.08 20.09
N GLY B 184 24.73 21.14 18.90
CA GLY B 184 25.76 20.18 18.55
C GLY B 184 25.56 19.48 17.21
N TYR B 185 24.40 19.65 16.60
CA TYR B 185 24.12 19.02 15.30
C TYR B 185 25.15 19.41 14.24
N LYS B 186 25.71 18.41 13.55
CA LYS B 186 26.67 18.65 12.47
C LYS B 186 25.97 18.63 11.11
N GLY B 187 24.70 18.26 11.13
CA GLY B 187 23.87 18.28 9.92
C GLY B 187 22.47 18.77 10.25
N ILE B 188 21.81 19.40 9.28
CA ILE B 188 20.46 19.92 9.48
C ILE B 188 19.64 19.64 8.23
N LYS B 189 18.41 19.13 8.40
CA LYS B 189 17.52 18.93 7.27
C LYS B 189 16.28 19.79 7.40
N LEU B 190 16.00 20.59 6.38
CA LEU B 190 14.78 21.40 6.37
C LEU B 190 13.63 20.60 5.78
N HIS B 191 12.49 20.59 6.44
CA HIS B 191 11.23 20.28 5.76
C HIS B 191 10.60 21.62 5.52
N THR B 192 10.34 21.95 4.27
CA THR B 192 9.78 23.26 3.95
C THR B 192 8.25 23.24 3.88
N TRP B 193 7.66 24.29 3.34
CA TRP B 193 6.21 24.52 3.44
C TRP B 193 5.36 23.63 2.53
N MET B 194 4.29 23.08 3.09
CA MET B 194 3.38 22.21 2.36
C MET B 194 1.91 22.56 2.67
N PRO B 195 0.99 22.32 1.71
CA PRO B 195 -0.44 22.40 2.05
C PRO B 195 -0.73 21.50 3.26
N PRO B 196 -1.67 21.91 4.12
CA PRO B 196 -2.59 23.05 4.00
C PRO B 196 -2.05 24.43 4.41
N VAL B 197 -0.73 24.67 4.45
CA VAL B 197 -0.24 26.05 4.60
C VAL B 197 -0.80 26.87 3.45
N SER B 198 -1.44 27.99 3.78
CA SER B 198 -2.31 28.70 2.81
C SER B 198 -1.69 29.01 1.44
N TRP B 199 -0.46 29.50 1.42
CA TRP B 199 0.18 29.91 0.15
C TRP B 199 1.06 28.83 -0.49
N ALA B 200 1.22 27.69 0.20
CA ALA B 200 2.19 26.66 -0.21
C ALA B 200 1.65 25.76 -1.33
N PRO B 201 2.56 25.17 -2.12
CA PRO B 201 4.02 25.28 -2.06
C PRO B 201 4.51 26.36 -3.00
N ASP B 202 5.76 26.78 -2.80
CA ASP B 202 6.39 27.75 -3.67
C ASP B 202 7.89 27.49 -3.66
N VAL B 203 8.43 27.14 -4.82
CA VAL B 203 9.86 26.83 -4.92
C VAL B 203 10.77 27.98 -4.49
N LYS B 204 10.44 29.20 -4.89
CA LYS B 204 11.26 30.35 -4.53
C LYS B 204 11.36 30.54 -3.01
N MET B 205 10.25 30.32 -2.31
CA MET B 205 10.22 30.43 -0.85
C MET B 205 11.07 29.32 -0.22
N ASP B 206 10.92 28.10 -0.72
CA ASP B 206 11.73 26.98 -0.24
C ASP B 206 13.22 27.32 -0.35
N LEU B 207 13.63 27.90 -1.48
CA LEU B 207 15.03 28.25 -1.69
C LEU B 207 15.48 29.40 -0.77
N LYS B 208 14.58 30.32 -0.46
CA LYS B 208 14.94 31.41 0.45
C LYS B 208 15.22 30.87 1.85
N ALA B 209 14.41 29.89 2.27
CA ALA B 209 14.66 29.21 3.54
C ALA B 209 16.04 28.56 3.51
N CYS B 210 16.34 27.86 2.40
CA CYS B 210 17.62 27.16 2.29
C CYS B 210 18.79 28.13 2.33
N ALA B 211 18.62 29.27 1.67
CA ALA B 211 19.66 30.30 1.62
C ALA B 211 19.86 30.92 3.00
N ALA B 212 18.76 31.14 3.71
CA ALA B 212 18.85 31.70 5.06
C ALA B 212 19.63 30.77 6.00
N VAL B 213 19.37 29.47 5.90
CA VAL B 213 20.07 28.51 6.73
C VAL B 213 21.56 28.43 6.38
N ARG B 214 21.88 28.36 5.09
CA ARG B 214 23.27 28.30 4.68
C ARG B 214 24.04 29.53 5.18
N GLU B 215 23.42 30.70 5.06
CA GLU B 215 24.05 31.92 5.52
C GLU B 215 24.32 31.86 7.02
N ALA B 216 23.36 31.32 7.76
CA ALA B 216 23.43 31.32 9.21
C ALA B 216 24.48 30.35 9.76
N VAL B 217 24.64 29.21 9.11
CA VAL B 217 25.50 28.16 9.65
C VAL B 217 26.86 28.07 8.95
N GLY B 218 26.97 28.69 7.78
CA GLY B 218 28.22 28.67 7.06
C GLY B 218 28.40 27.38 6.29
N PRO B 219 29.56 27.20 5.65
CA PRO B 219 29.78 26.14 4.67
C PRO B 219 30.12 24.77 5.26
N ASP B 220 30.37 24.69 6.56
CA ASP B 220 30.87 23.45 7.16
C ASP B 220 29.82 22.63 7.91
N ILE B 221 28.58 23.09 7.87
CA ILE B 221 27.49 22.32 8.41
C ILE B 221 26.81 21.66 7.22
N ARG B 222 26.48 20.36 7.33
CA ARG B 222 25.83 19.68 6.21
C ARG B 222 24.35 20.02 6.17
N LEU B 223 23.82 20.27 4.97
CA LEU B 223 22.45 20.73 4.81
C LEU B 223 21.68 19.88 3.80
N MET B 224 20.46 19.54 4.15
CA MET B 224 19.64 18.68 3.31
C MET B 224 18.25 19.30 3.26
N ILE B 225 17.47 19.02 2.21
CA ILE B 225 16.09 19.49 2.21
C ILE B 225 15.14 18.38 1.82
N ASP B 226 14.00 18.35 2.49
CA ASP B 226 12.93 17.40 2.25
C ASP B 226 11.74 18.27 1.87
N ALA B 227 11.45 18.37 0.58
CA ALA B 227 10.53 19.40 0.09
C ALA B 227 9.09 18.89 -0.04
N PHE B 228 8.17 19.79 -0.37
CA PHE B 228 6.81 19.42 -0.79
C PHE B 228 6.91 18.21 -1.73
N HIS B 229 6.10 17.18 -1.47
CA HIS B 229 6.34 15.87 -2.08
C HIS B 229 5.61 15.66 -3.39
N TRP B 230 4.99 16.70 -3.93
CA TRP B 230 4.23 16.56 -5.18
C TRP B 230 4.53 17.64 -6.22
N TYR B 231 5.73 18.18 -6.19
CA TYR B 231 6.16 19.13 -7.22
C TYR B 231 6.19 18.41 -8.56
N SER B 232 5.92 19.15 -9.63
CA SER B 232 6.11 18.65 -10.99
C SER B 232 7.59 18.43 -11.26
N ARG B 233 7.92 17.73 -12.34
CA ARG B 233 9.32 17.56 -12.72
C ARG B 233 10.03 18.90 -12.87
N THR B 234 9.40 19.85 -13.55
CA THR B 234 10.03 21.15 -13.81
C THR B 234 10.25 21.96 -12.53
N ASP B 235 9.34 21.85 -11.57
CA ASP B 235 9.51 22.56 -10.29
C ASP B 235 10.60 21.94 -9.43
N ALA B 236 10.62 20.61 -9.36
CA ALA B 236 11.68 19.90 -8.64
C ALA B 236 13.05 20.17 -9.27
N LEU B 237 13.09 20.29 -10.60
CA LEU B 237 14.34 20.62 -11.30
C LEU B 237 14.81 22.01 -10.87
N ALA B 238 13.90 22.98 -10.87
CA ALA B 238 14.26 24.34 -10.44
C ALA B 238 14.68 24.38 -8.98
N LEU B 239 14.01 23.62 -8.12
CA LEU B 239 14.44 23.52 -6.72
C LEU B 239 15.87 22.98 -6.63
N GLY B 240 16.13 21.85 -7.30
CA GLY B 240 17.43 21.22 -7.26
C GLY B 240 18.56 22.12 -7.73
N ARG B 241 18.32 22.85 -8.82
N ARG B 241 18.33 22.85 -8.82
CA ARG B 241 19.32 23.79 -9.34
CA ARG B 241 19.33 23.77 -9.34
C ARG B 241 19.67 24.85 -8.32
C ARG B 241 19.68 24.87 -8.34
N GLY B 242 18.66 25.35 -7.63
CA GLY B 242 18.84 26.38 -6.62
C GLY B 242 19.63 25.85 -5.43
N LEU B 243 19.42 24.58 -5.09
CA LEU B 243 20.13 23.92 -4.00
C LEU B 243 21.61 23.70 -4.30
N GLU B 244 21.94 23.51 -5.56
CA GLU B 244 23.31 23.28 -5.95
C GLU B 244 24.16 24.53 -5.68
N LYS B 245 23.57 25.70 -5.89
CA LYS B 245 24.27 26.95 -5.63
C LYS B 245 24.51 27.21 -4.14
N LEU B 246 23.82 26.47 -3.28
CA LEU B 246 23.95 26.59 -1.83
C LEU B 246 24.71 25.41 -1.23
N GLY B 247 25.25 24.55 -2.09
CA GLY B 247 26.05 23.42 -1.63
C GLY B 247 25.31 22.43 -0.75
N PHE B 248 24.02 22.22 -1.01
CA PHE B 248 23.27 21.24 -0.20
C PHE B 248 23.74 19.81 -0.50
N ASP B 249 23.67 18.95 0.51
CA ASP B 249 24.13 17.56 0.39
C ASP B 249 23.13 16.65 -0.31
N TRP B 250 21.85 16.89 -0.08
CA TRP B 250 20.85 16.12 -0.82
C TRP B 250 19.52 16.82 -0.96
N ILE B 251 18.74 16.36 -1.93
CA ILE B 251 17.35 16.75 -2.07
C ILE B 251 16.51 15.50 -1.88
N GLU B 252 15.44 15.61 -1.10
CA GLU B 252 14.67 14.45 -0.70
C GLU B 252 13.20 14.62 -1.07
N GLU B 253 12.63 13.58 -1.69
CA GLU B 253 11.21 13.47 -2.04
C GLU B 253 10.50 14.75 -2.50
N PRO B 254 11.04 15.41 -3.55
CA PRO B 254 10.33 16.59 -4.06
C PRO B 254 9.22 16.24 -5.05
N MET B 255 9.08 14.96 -5.42
CA MET B 255 8.04 14.52 -6.35
C MET B 255 7.35 13.25 -5.87
N ASP B 256 6.19 12.95 -6.45
CA ASP B 256 5.46 11.74 -6.11
C ASP B 256 6.33 10.53 -6.43
N GLU B 257 6.70 9.75 -5.42
CA GLU B 257 7.58 8.59 -5.62
C GLU B 257 6.94 7.41 -6.35
N GLN B 258 5.64 7.50 -6.63
CA GLN B 258 5.00 6.49 -7.45
C GLN B 258 5.53 6.51 -8.89
N SER B 259 6.20 7.60 -9.25
CA SER B 259 6.82 7.72 -10.57
C SER B 259 8.32 7.51 -10.51
N LEU B 260 8.74 6.25 -10.65
CA LEU B 260 10.16 5.92 -10.75
C LEU B 260 10.83 6.70 -11.88
N SER B 261 10.16 6.79 -13.02
CA SER B 261 10.70 7.48 -14.20
C SER B 261 11.05 8.94 -13.93
N SER B 262 10.20 9.62 -13.17
CA SER B 262 10.42 11.02 -12.84
C SER B 262 11.68 11.19 -12.01
N TYR B 263 11.92 10.26 -11.09
CA TYR B 263 13.14 10.29 -10.29
C TYR B 263 14.38 9.95 -11.09
N LYS B 264 14.25 9.02 -12.03
CA LYS B 264 15.37 8.73 -12.93
C LYS B 264 15.75 9.99 -13.72
N TRP B 265 14.72 10.67 -14.23
CA TRP B 265 14.91 11.90 -14.97
C TRP B 265 15.52 12.98 -14.09
N LEU B 266 15.00 13.13 -12.87
CA LEU B 266 15.49 14.21 -12.00
C LEU B 266 16.94 13.99 -11.61
N SER B 267 17.28 12.76 -11.21
CA SER B 267 18.65 12.43 -10.85
C SER B 267 19.59 12.63 -12.03
N ASP B 268 19.18 12.21 -13.21
CA ASP B 268 20.04 12.40 -14.38
C ASP B 268 20.33 13.87 -14.66
N ASN B 269 19.37 14.74 -14.36
CA ASN B 269 19.53 16.16 -14.65
C ASN B 269 20.30 16.92 -13.57
N LEU B 270 20.04 16.58 -12.31
CA LEU B 270 20.62 17.31 -11.18
C LEU B 270 22.01 16.80 -10.81
N ASP B 271 22.90 17.71 -10.45
CA ASP B 271 24.18 17.31 -9.89
C ASP B 271 24.05 16.94 -8.40
N ILE B 272 23.21 17.67 -7.65
CA ILE B 272 22.99 17.37 -6.24
C ILE B 272 22.41 15.95 -6.08
N PRO B 273 22.92 15.20 -5.09
CA PRO B 273 22.37 13.85 -4.85
C PRO B 273 20.88 13.87 -4.51
N VAL B 274 20.14 12.96 -5.16
CA VAL B 274 18.74 12.70 -4.87
C VAL B 274 18.65 11.47 -3.97
N VAL B 275 17.91 11.59 -2.87
CA VAL B 275 17.76 10.45 -1.95
C VAL B 275 16.30 9.94 -1.98
N GLY B 276 16.14 8.62 -2.00
CA GLY B 276 14.80 8.04 -2.01
C GLY B 276 14.87 6.54 -2.29
N PRO B 277 13.73 5.84 -2.28
CA PRO B 277 12.41 6.41 -2.01
C PRO B 277 12.08 6.28 -0.54
N GLU B 278 11.43 7.28 0.04
CA GLU B 278 11.03 7.14 1.42
C GLU B 278 9.69 6.44 1.55
N SER B 279 8.70 6.90 0.79
CA SER B 279 7.33 6.46 1.04
C SER B 279 6.84 5.35 0.12
N ALA B 280 7.61 5.03 -0.92
CA ALA B 280 7.16 4.03 -1.90
C ALA B 280 6.93 2.69 -1.22
N ALA B 281 5.91 1.97 -1.66
CA ALA B 281 5.63 0.60 -1.23
C ALA B 281 6.65 -0.40 -1.81
N GLY B 282 6.43 -1.68 -1.53
CA GLY B 282 7.27 -2.73 -2.10
C GLY B 282 8.58 -3.03 -1.39
N LYS B 283 8.83 -2.38 -0.25
CA LYS B 283 9.93 -2.77 0.65
C LYS B 283 11.29 -2.80 -0.04
N HIS B 284 12.09 -3.83 0.23
CA HIS B 284 13.43 -3.93 -0.36
C HIS B 284 13.36 -4.31 -1.84
N TRP B 285 12.33 -5.06 -2.20
CA TRP B 285 12.13 -5.48 -3.59
C TRP B 285 11.99 -4.25 -4.49
N HIS B 286 11.15 -3.30 -4.11
CA HIS B 286 10.98 -2.12 -4.95
C HIS B 286 12.19 -1.20 -4.86
N ARG B 287 12.84 -1.17 -3.71
CA ARG B 287 14.05 -0.36 -3.59
C ARG B 287 15.19 -0.86 -4.49
N ALA B 288 15.25 -2.15 -4.76
CA ALA B 288 16.20 -2.67 -5.74
C ALA B 288 15.96 -2.02 -7.11
N GLU B 289 14.69 -1.79 -7.45
CA GLU B 289 14.37 -1.21 -8.75
C GLU B 289 14.83 0.24 -8.85
N TRP B 290 14.86 0.93 -7.70
CA TRP B 290 15.36 2.29 -7.67
C TRP B 290 16.86 2.31 -7.95
N ILE B 291 17.57 1.31 -7.44
CA ILE B 291 19.00 1.21 -7.73
C ILE B 291 19.24 0.91 -9.20
N LYS B 292 18.50 -0.07 -9.72
CA LYS B 292 18.70 -0.54 -11.07
C LYS B 292 18.37 0.53 -12.12
N ALA B 293 17.33 1.31 -11.85
CA ALA B 293 16.89 2.36 -12.76
C ALA B 293 17.69 3.65 -12.62
N GLY B 294 18.53 3.73 -11.59
CA GLY B 294 19.29 4.94 -11.35
C GLY B 294 18.35 6.07 -10.98
N ALA B 295 17.33 5.77 -10.17
CA ALA B 295 16.34 6.77 -9.79
C ALA B 295 16.78 7.59 -8.57
N CYS B 296 17.87 7.18 -7.94
CA CYS B 296 18.40 7.96 -6.82
C CYS B 296 19.91 7.80 -6.74
N ASP B 297 20.55 8.70 -6.03
CA ASP B 297 21.99 8.61 -5.80
C ASP B 297 22.28 8.01 -4.43
N ILE B 298 21.32 8.13 -3.52
CA ILE B 298 21.43 7.65 -2.15
C ILE B 298 20.10 6.95 -1.89
N LEU B 299 20.14 5.69 -1.42
CA LEU B 299 18.89 4.95 -1.18
C LEU B 299 18.23 5.43 0.11
N ARG B 300 16.94 5.16 0.28
CA ARG B 300 16.29 5.47 1.56
C ARG B 300 15.54 4.24 2.04
N THR B 301 15.55 4.04 3.35
CA THR B 301 14.75 3.00 3.96
C THR B 301 14.23 3.54 5.27
N GLY B 302 13.47 2.73 5.99
CA GLY B 302 12.98 3.12 7.31
C GLY B 302 12.18 1.96 7.84
N VAL B 303 12.20 1.78 9.15
CA VAL B 303 11.52 0.65 9.75
C VAL B 303 10.03 0.64 9.40
N ASN B 304 9.39 1.80 9.52
CA ASN B 304 7.98 1.92 9.19
C ASN B 304 7.71 1.89 7.70
N ASP B 305 8.70 2.31 6.91
CA ASP B 305 8.49 2.38 5.46
C ASP B 305 8.61 1.03 4.75
N VAL B 306 9.38 0.10 5.31
CA VAL B 306 9.58 -1.18 4.63
C VAL B 306 9.08 -2.39 5.42
N GLY B 307 8.45 -2.13 6.56
CA GLY B 307 7.76 -3.18 7.28
C GLY B 307 8.59 -3.86 8.36
N GLY B 308 9.53 -3.14 8.95
CA GLY B 308 10.23 -3.67 10.12
C GLY B 308 11.73 -3.55 10.09
N ILE B 309 12.36 -3.95 11.20
CA ILE B 309 13.81 -4.00 11.29
C ILE B 309 14.37 -5.01 10.29
N THR B 310 13.73 -6.17 10.20
CA THR B 310 14.18 -7.24 9.32
C THR B 310 14.32 -6.76 7.86
N PRO B 311 13.23 -6.25 7.26
CA PRO B 311 13.46 -5.77 5.88
C PRO B 311 14.28 -4.48 5.80
N ALA B 312 14.38 -3.70 6.87
CA ALA B 312 15.20 -2.50 6.77
C ALA B 312 16.66 -2.92 6.63
N LEU B 313 17.04 -3.96 7.36
CA LEU B 313 18.40 -4.47 7.28
C LEU B 313 18.67 -4.98 5.87
N LYS B 314 17.69 -5.66 5.28
CA LYS B 314 17.81 -6.11 3.89
C LYS B 314 18.10 -4.96 2.93
N THR B 315 17.38 -3.85 3.10
N THR B 315 17.39 -3.84 3.10
CA THR B 315 17.57 -2.69 2.25
CA THR B 315 17.59 -2.68 2.25
C THR B 315 18.97 -2.10 2.43
C THR B 315 18.98 -2.10 2.43
N MET B 316 19.47 -2.09 3.67
CA MET B 316 20.82 -1.57 3.93
C MET B 316 21.88 -2.42 3.23
N HIS B 317 21.71 -3.74 3.31
CA HIS B 317 22.64 -4.67 2.68
C HIS B 317 22.57 -4.54 1.16
N LEU B 318 21.35 -4.45 0.64
CA LEU B 318 21.15 -4.20 -0.79
C LEU B 318 21.94 -2.97 -1.24
N ALA B 319 21.74 -1.84 -0.56
CA ALA B 319 22.47 -0.63 -0.92
C ALA B 319 23.98 -0.80 -0.82
N GLU B 320 24.44 -1.43 0.27
CA GLU B 320 25.88 -1.61 0.49
C GLU B 320 26.51 -2.39 -0.67
N ALA B 321 25.83 -3.42 -1.17
CA ALA B 321 26.36 -4.24 -2.28
C ALA B 321 26.58 -3.42 -3.55
N PHE B 322 25.83 -2.32 -3.70
CA PHE B 322 26.03 -1.41 -4.82
C PHE B 322 26.95 -0.25 -4.48
N GLY B 323 27.56 -0.32 -3.29
CA GLY B 323 28.47 0.72 -2.87
C GLY B 323 27.77 2.02 -2.54
N MET B 324 26.47 1.92 -2.23
CA MET B 324 25.64 3.08 -1.97
C MET B 324 25.35 3.24 -0.50
N GLU B 325 25.08 4.48 -0.11
CA GLU B 325 24.54 4.73 1.20
C GLU B 325 23.02 4.58 1.19
N CYS B 326 22.47 4.28 2.36
CA CYS B 326 21.03 4.14 2.50
C CYS B 326 20.65 4.84 3.79
N GLU B 327 20.01 6.00 3.67
CA GLU B 327 19.73 6.82 4.86
C GLU B 327 18.41 6.39 5.47
N VAL B 328 18.39 6.26 6.80
CA VAL B 328 17.29 5.61 7.50
C VAL B 328 16.26 6.64 7.97
N HIS B 329 15.03 6.54 7.46
CA HIS B 329 13.98 7.51 7.82
C HIS B 329 13.40 7.21 9.18
N GLY B 330 13.36 8.24 10.03
CA GLY B 330 12.57 8.16 11.25
C GLY B 330 13.44 8.12 12.49
N ASN B 331 12.95 8.75 13.55
CA ASN B 331 13.63 8.65 14.84
C ASN B 331 13.14 7.39 15.57
N THR B 332 13.37 7.35 16.89
CA THR B 332 13.00 6.23 17.78
C THR B 332 13.96 5.04 17.72
N ALA B 333 13.91 4.23 18.77
CA ALA B 333 14.84 3.12 18.97
C ALA B 333 14.95 2.17 17.77
N MET B 334 13.83 1.85 17.16
CA MET B 334 13.83 0.87 16.07
C MET B 334 14.74 1.29 14.93
N ASN B 335 14.69 2.57 14.56
CA ASN B 335 15.55 3.07 13.49
C ASN B 335 16.98 3.26 13.95
N LEU B 336 17.14 3.70 15.20
CA LEU B 336 18.48 3.88 15.75
C LEU B 336 19.26 2.56 15.77
N HIS B 337 18.60 1.45 16.07
CA HIS B 337 19.30 0.18 16.10
C HIS B 337 19.73 -0.30 14.71
N VAL B 338 18.91 -0.01 13.69
CA VAL B 338 19.31 -0.29 12.30
C VAL B 338 20.55 0.52 11.95
N VAL B 339 20.53 1.79 12.30
CA VAL B 339 21.67 2.66 12.01
C VAL B 339 22.94 2.17 12.73
N ALA B 340 22.79 1.72 13.97
CA ALA B 340 23.93 1.26 14.77
C ALA B 340 24.50 -0.09 14.27
N ALA B 341 23.67 -0.90 13.61
CA ALA B 341 24.09 -2.21 13.13
C ALA B 341 24.73 -2.15 11.74
N THR B 342 24.73 -0.97 11.11
CA THR B 342 25.17 -0.87 9.71
C THR B 342 26.17 0.27 9.50
N LYS B 343 26.95 0.17 8.42
CA LYS B 343 27.99 1.15 8.13
C LYS B 343 27.58 2.20 7.10
N ASN B 344 26.81 1.79 6.10
CA ASN B 344 26.57 2.64 4.93
C ASN B 344 25.39 3.58 5.13
N CYS B 345 25.41 4.31 6.24
CA CYS B 345 24.37 5.27 6.55
C CYS B 345 25.10 6.38 7.28
N ARG B 346 24.96 7.62 6.81
CA ARG B 346 25.72 8.71 7.40
C ARG B 346 25.11 9.18 8.72
N TRP B 347 23.79 9.10 8.84
CA TRP B 347 23.10 9.74 9.95
C TRP B 347 22.03 8.90 10.63
N TYR B 348 21.73 9.27 11.87
CA TYR B 348 20.44 8.96 12.49
C TYR B 348 19.60 10.22 12.39
N GLU B 349 18.32 10.08 12.06
CA GLU B 349 17.44 11.23 11.89
C GLU B 349 16.78 11.59 13.21
N ARG B 350 17.15 12.73 13.78
CA ARG B 350 16.64 13.13 15.09
C ARG B 350 15.66 14.27 14.92
N GLY B 351 14.39 14.00 15.23
CA GLY B 351 13.35 14.97 14.97
C GLY B 351 12.02 14.26 14.95
N LEU B 352 10.95 14.97 14.56
CA LEU B 352 11.03 16.32 14.01
C LEU B 352 11.18 17.41 15.08
N LEU B 353 11.91 18.47 14.73
CA LEU B 353 12.27 19.53 15.67
C LEU B 353 11.59 20.84 15.30
N HIS B 354 11.34 21.67 16.30
CA HIS B 354 10.67 22.95 16.11
C HIS B 354 11.11 23.84 17.26
N PRO B 355 11.30 25.14 17.00
CA PRO B 355 11.78 25.98 18.12
C PRO B 355 10.82 26.05 19.32
N PHE B 356 9.53 25.78 19.11
CA PHE B 356 8.55 25.85 20.20
C PHE B 356 8.59 24.61 21.09
N LEU B 357 9.24 23.55 20.62
CA LEU B 357 9.27 22.28 21.34
C LEU B 357 10.65 21.92 21.83
N GLU B 358 10.71 21.16 22.92
CA GLU B 358 11.97 20.66 23.43
C GLU B 358 12.05 19.16 23.22
N TYR B 359 12.75 18.74 22.16
CA TYR B 359 12.88 17.33 21.82
C TYR B 359 13.49 16.53 22.97
N ASP B 360 14.46 17.12 23.65
CA ASP B 360 15.14 16.42 24.73
C ASP B 360 14.25 16.14 25.95
N ASP B 361 13.02 16.65 25.96
CA ASP B 361 12.09 16.34 27.04
C ASP B 361 11.50 14.94 26.92
N GLY B 362 11.53 14.37 25.73
CA GLY B 362 11.06 13.01 25.52
C GLY B 362 9.56 12.84 25.56
N HIS B 363 9.13 11.66 26.01
CA HIS B 363 7.71 11.31 26.03
C HIS B 363 7.31 10.92 27.44
N ASP B 364 6.05 11.14 27.80
CA ASP B 364 5.61 10.84 29.16
C ASP B 364 5.60 9.34 29.44
N TYR B 365 5.46 8.52 28.39
CA TYR B 365 5.43 7.07 28.57
C TYR B 365 6.80 6.39 28.53
N LEU B 366 7.85 7.19 28.36
CA LEU B 366 9.24 6.69 28.44
C LEU B 366 10.03 7.40 29.54
N LYS B 367 10.71 6.62 30.38
CA LYS B 367 11.41 7.17 31.55
C LYS B 367 12.67 7.92 31.15
N SER B 368 13.23 7.59 29.99
CA SER B 368 14.39 8.30 29.49
C SER B 368 14.43 8.20 27.97
N LEU B 369 15.31 8.96 27.35
CA LEU B 369 15.42 9.05 25.89
C LEU B 369 15.98 7.77 25.28
N SER B 370 15.45 7.39 24.13
CA SER B 370 16.01 6.28 23.37
C SER B 370 17.21 6.76 22.57
N ASP B 371 17.30 8.07 22.36
CA ASP B 371 18.34 8.63 21.49
C ASP B 371 19.03 9.86 22.08
N PRO B 372 19.66 9.71 23.25
CA PRO B 372 20.27 10.93 23.82
C PRO B 372 21.44 11.40 22.99
N MET B 373 21.61 12.71 22.85
CA MET B 373 22.67 13.26 22.02
C MET B 373 23.65 14.13 22.80
N ASP B 374 24.94 13.86 22.64
CA ASP B 374 25.95 14.67 23.32
C ASP B 374 26.16 16.02 22.66
N ARG B 375 26.99 16.87 23.26
CA ARG B 375 27.16 18.22 22.76
C ARG B 375 27.98 18.25 21.47
N ASP B 376 28.48 17.09 21.04
CA ASP B 376 29.23 17.03 19.78
C ASP B 376 28.36 16.54 18.61
N GLY B 377 27.11 16.23 18.92
CA GLY B 377 26.17 15.83 17.88
C GLY B 377 26.10 14.32 17.63
N PHE B 378 26.65 13.53 18.55
CA PHE B 378 26.54 12.08 18.46
C PHE B 378 25.42 11.55 19.34
N VAL B 379 24.53 10.74 18.76
CA VAL B 379 23.56 10.01 19.57
C VAL B 379 24.20 8.73 20.07
N HIS B 380 24.06 8.45 21.36
CA HIS B 380 24.62 7.23 21.94
C HIS B 380 23.52 6.19 22.12
N VAL B 381 23.69 5.01 21.54
CA VAL B 381 22.69 3.96 21.67
C VAL B 381 22.70 3.49 23.11
N PRO B 382 21.54 3.50 23.77
CA PRO B 382 21.44 3.07 25.17
C PRO B 382 21.91 1.64 25.33
N ASP B 383 22.60 1.34 26.43
CA ASP B 383 23.04 0.00 26.70
C ASP B 383 21.94 -0.70 27.50
N ARG B 384 20.82 -0.94 26.84
CA ARG B 384 19.66 -1.58 27.45
C ARG B 384 19.20 -2.66 26.49
N PRO B 385 18.70 -3.79 27.01
CA PRO B 385 18.33 -4.95 26.17
C PRO B 385 17.18 -4.64 25.21
N GLY B 386 17.05 -5.45 24.16
CA GLY B 386 16.00 -5.26 23.19
C GLY B 386 16.19 -3.93 22.51
N LEU B 387 15.08 -3.27 22.18
CA LEU B 387 15.13 -1.96 21.54
C LEU B 387 15.60 -0.88 22.52
N GLY B 388 15.65 -1.22 23.80
CA GLY B 388 16.16 -0.29 24.79
C GLY B 388 15.20 0.84 25.13
N GLU B 389 13.94 0.66 24.79
CA GLU B 389 12.94 1.65 25.16
C GLU B 389 12.64 1.50 26.64
N ASP B 390 12.89 2.57 27.40
CA ASP B 390 12.73 2.54 28.87
C ASP B 390 11.27 2.82 29.19
N ILE B 391 10.44 1.78 29.07
CA ILE B 391 8.99 1.96 29.07
C ILE B 391 8.45 2.20 30.47
N ASP B 392 7.62 3.23 30.61
CA ASP B 392 6.97 3.49 31.89
C ASP B 392 5.65 2.74 31.91
N PHE B 393 5.71 1.46 32.31
CA PHE B 393 4.53 0.60 32.28
C PHE B 393 3.43 1.09 33.23
N THR B 394 3.83 1.66 34.35
CA THR B 394 2.88 2.24 35.31
C THR B 394 2.11 3.41 34.70
N PHE B 395 2.81 4.30 34.02
CA PHE B 395 2.14 5.41 33.35
C PHE B 395 1.11 4.87 32.37
N ILE B 396 1.52 3.87 31.59
CA ILE B 396 0.66 3.30 30.57
C ILE B 396 -0.58 2.69 31.21
N ASP B 397 -0.38 2.02 32.34
CA ASP B 397 -1.54 1.43 33.03
C ASP B 397 -2.47 2.48 33.62
N ASN B 398 -1.91 3.53 34.20
CA ASN B 398 -2.70 4.62 34.76
C ASN B 398 -3.44 5.44 33.71
N ASN B 399 -3.03 5.31 32.44
CA ASN B 399 -3.60 6.13 31.38
C ASN B 399 -4.31 5.34 30.26
N ARG B 400 -4.76 4.14 30.58
CA ARG B 400 -5.42 3.26 29.61
C ARG B 400 -6.70 3.82 29.02
N VAL B 401 -6.94 3.47 27.75
CA VAL B 401 -8.22 3.71 27.10
C VAL B 401 -8.90 2.35 26.94
N ARG B 402 -8.17 1.43 26.29
CA ARG B 402 -8.64 0.09 25.98
C ARG B 402 -7.48 -0.85 25.68
MG MG C . -5.35 -12.27 -11.16
MG MG D . 8.27 -13.03 -23.66
O5A LLH E . -5.21 -15.25 -5.20
C5 LLH E . -6.44 -15.05 -5.43
O5B LLH E . -7.37 -15.15 -4.57
C4 LLH E . -6.83 -14.70 -6.86
O4 LLH E . -5.64 -14.56 -7.64
C3 LLH E . -7.70 -13.43 -6.90
O3 LLH E . -6.93 -12.26 -6.55
C2 LLH E . -8.40 -13.20 -8.28
O2 LLH E . -9.42 -12.21 -8.10
C1 LLH E . -7.48 -12.81 -9.47
O1 LLH E . -6.26 -12.59 -9.32
N LLH E . -8.10 -12.75 -10.67
ON LLH E . -7.42 -12.44 -11.83
O1 PG4 F . 2.62 4.61 -1.87
C1 PG4 F . 3.54 4.44 -2.95
C2 PG4 F . 3.34 3.08 -3.63
O2 PG4 F . 4.24 2.99 -4.73
C3 PG4 F . 5.12 1.87 -4.66
C4 PG4 F . 5.07 1.12 -5.98
O3 PG4 F . 5.51 -0.22 -5.80
C5 PG4 F . 4.47 -1.16 -6.04
C6 PG4 F . 4.64 -2.30 -5.06
O4 PG4 F . 3.35 -2.81 -4.73
C7 PG4 F . 3.29 -3.32 -3.39
C8 PG4 F . 2.38 -4.55 -3.38
O5 PG4 F . 1.02 -4.14 -3.56
MG MG G . 11.59 12.44 4.27
MG MG H . 22.42 13.57 -10.68
O5A LLH I . 5.74 15.55 4.69
C5 LLH I . 6.08 15.21 5.85
O5B LLH I . 5.30 15.17 6.86
C4 LLH I . 7.54 14.82 6.10
O4 LLH I . 8.18 14.58 4.84
C3 LLH I . 7.64 13.62 7.05
O3 LLH I . 7.16 12.41 6.41
C2 LLH I . 9.07 13.38 7.62
O2 LLH I . 8.98 12.42 8.68
C1 LLH I . 10.14 12.92 6.59
O1 LLH I . 9.87 12.69 5.41
N LLH I . 11.40 12.82 7.09
ON LLH I . 12.48 12.45 6.30
#